data_7Y0V
#
_entry.id   7Y0V
#
_cell.length_a   64.770
_cell.length_b   138.910
_cell.length_c   178.050
_cell.angle_alpha   90.000
_cell.angle_beta   90.000
_cell.angle_gamma   90.000
#
_symmetry.space_group_name_H-M   'C 2 2 21'
#
loop_
_entity.id
_entity.type
_entity.pdbx_description
1 polymer 5549-Fab
2 polymer 5549-Fab
3 polymer 'Spike protein S1'
4 branched beta-D-mannopyranose-(1-4)-2-acetamido-2-deoxy-beta-D-glucopyranose-(1-4)-[alpha-L-fucopyranose-(1-6)]2-acetamido-2-deoxy-beta-D-glucopyranose
5 water water
#
loop_
_entity_poly.entity_id
_entity_poly.type
_entity_poly.pdbx_seq_one_letter_code
_entity_poly.pdbx_strand_id
1 'polypeptide(L)'
;QLQLQESGPGLVKPSETLSLTCTVSGASITSSDSYWGWIRQPPGKGLEWIGSIYYTGSAYKSPPLKSRVTMSVDTSKNQF
SLKVTSLTAADTAVYYCARGRGSPPHYYFYFGLDVWGQGTTVSVSLASTKGPSVFPLAPSSKSTSGGTAALGCLVKDYFP
EPVTVSWNSGALTSGVHTFPAVLQSSGLYSLSSVVTVPSSSLGTQTYICNVNHKPSNTKVDKKVEPKSCDKTH
;
H
2 'polypeptide(L)'
;SYELTQPPSVSVSPGQTATITCSGTALPNHYAYWYQQKPGQAPVLVIYTDNERPSGIPERFSGSTSGTTVTLTISGVQAE
DEADYYCQSADSNANVVFGGGTKLTVLGQPKAAPSVTLFPPSSEELQANKATLVCLISDFYPGAVTVAWKADSSPVKAGV
ETTTPSKQSNNKYAASSYLSLTPEQWKSHRSYSCQVTHEGSTVEKTVAPTECS
;
L
3 'polypeptide(L)'
;SIVRFPNITNLCPFDEVFNATRFASVYAWNRKRISNCVADYSVLYNLAPFFTFKCYGVSPTKLNDLCFTNVYADSFVIRG
DEVRQIAPGQTGNIADYNYKLPDDFTGCVIAWNSNKLDSKVSGNYNYLYRLFRKSNLKPFERDISTEIYQAGNKPCNGVA
GFNCYFPLRSYSFRPTYGVGHQPYRVVVLSFELLHPAATVCGPKKSTNLVKNKCVNFHHHHHHHH
;
R
#
loop_
_chem_comp.id
_chem_comp.type
_chem_comp.name
_chem_comp.formula
BMA D-saccharide, beta linking beta-D-mannopyranose 'C6 H12 O6'
FUC L-saccharide, alpha linking alpha-L-fucopyranose 'C6 H12 O5'
NAG D-saccharide, beta linking 2-acetamido-2-deoxy-beta-D-glucopyranose 'C8 H15 N O6'
#
# COMPACT_ATOMS: atom_id res chain seq x y z
N GLN A 1 19.28 -6.36 8.80
CA GLN A 1 18.56 -5.10 8.68
C GLN A 1 17.98 -4.92 7.27
N LEU A 2 16.80 -5.51 7.01
CA LEU A 2 16.29 -5.66 5.65
C LEU A 2 15.91 -4.30 5.06
N GLN A 3 16.66 -3.87 4.04
CA GLN A 3 16.33 -2.71 3.23
C GLN A 3 16.32 -3.09 1.76
N LEU A 4 15.71 -2.25 0.94
CA LEU A 4 15.46 -2.53 -0.46
C LEU A 4 15.72 -1.28 -1.27
N GLN A 5 16.20 -1.48 -2.50
CA GLN A 5 16.57 -0.35 -3.34
C GLN A 5 16.23 -0.68 -4.79
N GLU A 6 15.38 0.12 -5.40
CA GLU A 6 15.08 -0.04 -6.82
C GLU A 6 16.14 0.65 -7.66
N SER A 7 16.45 0.05 -8.80
CA SER A 7 17.16 0.67 -9.89
C SER A 7 16.27 0.56 -11.13
N GLY A 8 16.60 1.32 -12.15
CA GLY A 8 15.75 1.37 -13.31
C GLY A 8 15.76 2.75 -13.96
N PRO A 9 15.40 2.78 -15.23
CA PRO A 9 15.48 4.04 -15.96
C PRO A 9 14.42 4.96 -15.41
N GLY A 10 14.41 6.19 -15.88
CA GLY A 10 13.33 7.05 -15.48
C GLY A 10 12.41 7.37 -16.65
N LEU A 11 12.88 7.19 -17.88
CA LEU A 11 12.11 7.55 -19.06
C LEU A 11 12.18 6.35 -19.98
N VAL A 12 11.07 6.04 -20.64
CA VAL A 12 11.03 4.89 -21.54
C VAL A 12 10.08 5.25 -22.67
N LYS A 13 10.34 4.74 -23.78
CA LYS A 13 9.40 5.17 -24.79
C LYS A 13 8.18 4.25 -24.82
N PRO A 14 7.03 4.81 -25.26
CA PRO A 14 5.85 3.99 -25.45
C PRO A 14 6.17 2.78 -26.30
N SER A 15 5.49 1.68 -26.01
CA SER A 15 5.71 0.38 -26.65
C SER A 15 7.02 -0.26 -26.24
N GLU A 16 7.81 0.36 -25.35
CA GLU A 16 9.16 -0.16 -25.41
C GLU A 16 9.00 -1.20 -24.30
N THR A 17 10.07 -1.63 -23.62
CA THR A 17 9.78 -2.46 -22.44
C THR A 17 10.63 -2.03 -21.25
N LEU A 18 10.01 -2.12 -20.06
CA LEU A 18 10.56 -1.55 -18.84
C LEU A 18 11.29 -2.60 -18.02
N SER A 19 12.44 -2.20 -17.49
CA SER A 19 13.36 -3.11 -16.82
C SER A 19 13.70 -2.53 -15.46
N LEU A 20 13.40 -3.28 -14.40
CA LEU A 20 13.61 -2.82 -13.04
C LEU A 20 14.32 -3.90 -12.24
N THR A 21 15.09 -3.46 -11.27
CA THR A 21 15.95 -4.32 -10.51
C THR A 21 15.89 -3.86 -9.07
N CYS A 22 15.67 -4.78 -8.16
CA CYS A 22 15.68 -4.44 -6.75
C CYS A 22 16.82 -5.16 -6.09
N THR A 23 17.63 -4.44 -5.33
CA THR A 23 18.70 -5.04 -4.55
C THR A 23 18.26 -5.11 -3.10
N VAL A 24 18.51 -6.25 -2.47
CA VAL A 24 18.17 -6.49 -1.08
C VAL A 24 19.44 -6.34 -0.24
N SER A 25 19.33 -5.59 0.86
CA SER A 25 20.45 -5.42 1.79
C SER A 25 19.99 -5.70 3.21
N GLY A 26 20.86 -6.30 4.02
CA GLY A 26 20.54 -6.67 5.39
C GLY A 26 19.90 -8.03 5.58
N ALA A 27 19.84 -8.85 4.54
CA ALA A 27 19.21 -10.17 4.65
C ALA A 27 19.46 -10.91 3.35
N SER A 28 19.27 -12.22 3.40
CA SER A 28 19.42 -13.03 2.20
C SER A 28 18.12 -13.02 1.41
N ILE A 29 18.26 -12.94 0.09
CA ILE A 29 17.10 -13.05 -0.77
C ILE A 29 16.52 -14.46 -0.71
N THR A 30 17.19 -15.36 0.00
CA THR A 30 16.72 -16.72 0.14
C THR A 30 15.92 -16.96 1.41
N SER A 31 15.55 -15.90 2.13
CA SER A 31 14.75 -16.07 3.33
C SER A 31 13.48 -16.83 2.98
N SER A 32 13.27 -17.98 3.64
CA SER A 32 12.16 -18.87 3.32
C SER A 32 10.80 -18.22 3.48
N ASP A 33 10.72 -17.06 4.12
CA ASP A 33 9.45 -16.38 4.34
C ASP A 33 9.26 -15.13 3.46
N SER A 34 10.11 -14.92 2.46
CA SER A 34 10.10 -13.66 1.72
C SER A 34 9.56 -13.85 0.31
N TYR A 35 8.55 -13.05 -0.04
CA TYR A 35 7.98 -13.05 -1.39
C TYR A 35 8.20 -11.64 -1.96
N TRP A 36 9.25 -11.51 -2.76
CA TRP A 36 9.66 -10.22 -3.31
C TRP A 36 8.68 -9.79 -4.41
N GLY A 37 8.13 -8.59 -4.28
CA GLY A 37 7.13 -8.15 -5.23
C GLY A 37 7.32 -6.71 -5.70
N TRP A 38 6.51 -6.36 -6.70
CA TRP A 38 6.43 -5.01 -7.24
C TRP A 38 5.02 -4.46 -7.10
N ILE A 39 4.91 -3.26 -6.50
CA ILE A 39 3.70 -2.46 -6.49
C ILE A 39 3.97 -1.11 -7.18
N ARG A 40 3.01 -0.63 -7.98
CA ARG A 40 3.15 0.67 -8.59
C ARG A 40 2.01 1.60 -8.17
N GLN A 41 2.23 2.90 -8.38
CA GLN A 41 1.24 3.92 -8.05
C GLN A 41 1.25 5.02 -9.10
N PRO A 42 0.30 5.03 -10.03
CA PRO A 42 0.19 6.17 -10.97
C PRO A 42 0.13 7.45 -10.18
N PRO A 43 0.85 8.50 -10.61
CA PRO A 43 0.79 9.78 -9.88
C PRO A 43 -0.65 10.22 -9.68
N GLY A 44 -0.96 10.62 -8.45
CA GLY A 44 -2.31 11.01 -8.09
C GLY A 44 -3.24 9.88 -7.69
N LYS A 45 -2.88 8.61 -7.93
CA LYS A 45 -3.81 7.49 -7.81
C LYS A 45 -3.37 6.54 -6.68
N GLY A 46 -3.94 5.32 -6.68
CA GLY A 46 -3.72 4.35 -5.61
C GLY A 46 -2.80 3.21 -6.02
N LEU A 47 -2.42 2.41 -5.03
CA LEU A 47 -1.47 1.33 -5.20
C LEU A 47 -2.02 0.19 -6.06
N GLU A 48 -1.14 -0.45 -6.82
CA GLU A 48 -1.48 -1.62 -7.61
C GLU A 48 -0.36 -2.63 -7.52
N TRP A 49 -0.68 -3.86 -7.13
CA TRP A 49 0.29 -4.93 -7.08
C TRP A 49 0.50 -5.50 -8.49
N ILE A 50 1.77 -5.72 -8.83
CA ILE A 50 2.10 -6.23 -10.16
C ILE A 50 2.37 -7.71 -10.13
N GLY A 51 3.31 -8.11 -9.27
CA GLY A 51 3.56 -9.51 -9.09
C GLY A 51 4.56 -9.67 -7.97
N SER A 52 4.69 -10.93 -7.53
CA SER A 52 5.65 -11.33 -6.52
C SER A 52 6.40 -12.56 -7.01
N ILE A 53 7.54 -12.81 -6.37
CA ILE A 53 8.41 -13.92 -6.74
C ILE A 53 9.21 -14.38 -5.53
N TYR A 54 9.22 -15.69 -5.32
CA TYR A 54 9.97 -16.42 -4.30
C TYR A 54 11.38 -16.68 -4.79
N TYR A 55 12.22 -17.11 -3.86
CA TYR A 55 13.67 -17.23 -4.10
C TYR A 55 14.00 -18.35 -5.09
N THR A 56 13.02 -19.23 -5.40
CA THR A 56 13.07 -20.35 -6.34
C THR A 56 12.71 -20.00 -7.77
N GLY A 57 12.27 -18.77 -8.05
CA GLY A 57 11.63 -18.50 -9.33
C GLY A 57 10.13 -18.71 -9.40
N SER A 58 9.48 -19.17 -8.32
CA SER A 58 8.01 -19.18 -8.27
C SER A 58 7.45 -17.78 -8.39
N ALA A 59 6.61 -17.53 -9.40
CA ALA A 59 6.17 -16.17 -9.73
C ALA A 59 4.66 -16.08 -9.62
N TYR A 60 4.19 -15.14 -8.80
CA TYR A 60 2.80 -14.77 -8.68
C TYR A 60 2.59 -13.48 -9.47
N LYS A 61 1.56 -13.44 -10.31
CA LYS A 61 1.35 -12.35 -11.26
C LYS A 61 -0.06 -11.78 -11.20
N SER A 62 -0.17 -10.46 -11.13
CA SER A 62 -1.47 -9.79 -11.17
C SER A 62 -2.17 -10.11 -12.49
N PRO A 63 -3.47 -10.34 -12.47
CA PRO A 63 -4.16 -10.74 -13.72
C PRO A 63 -4.20 -9.64 -14.77
N PRO A 64 -4.56 -8.38 -14.44
CA PRO A 64 -4.46 -7.30 -15.45
C PRO A 64 -3.16 -7.24 -16.24
N LEU A 65 -2.03 -7.67 -15.66
CA LEU A 65 -0.72 -7.46 -16.26
C LEU A 65 0.02 -8.74 -16.58
N LYS A 66 -0.53 -9.90 -16.21
CA LYS A 66 0.15 -11.18 -16.37
C LYS A 66 0.73 -11.33 -17.76
N SER A 67 0.02 -10.80 -18.75
CA SER A 67 0.38 -11.03 -20.14
C SER A 67 1.72 -10.40 -20.49
N ARG A 68 2.16 -9.40 -19.76
CA ARG A 68 3.33 -8.63 -20.17
C ARG A 68 4.30 -8.37 -19.03
N VAL A 69 4.18 -9.12 -17.91
CA VAL A 69 5.08 -9.06 -16.76
C VAL A 69 5.94 -10.31 -16.70
N THR A 70 7.23 -10.13 -16.32
CA THR A 70 8.19 -11.22 -16.08
C THR A 70 9.07 -10.80 -14.91
N MET A 71 9.47 -11.77 -14.10
CA MET A 71 10.27 -11.52 -12.91
C MET A 71 11.32 -12.61 -12.81
N SER A 72 12.38 -12.32 -12.07
CA SER A 72 13.48 -13.28 -11.89
C SER A 72 14.23 -12.95 -10.61
N VAL A 73 14.89 -13.97 -10.06
CA VAL A 73 15.65 -13.86 -8.83
C VAL A 73 17.10 -14.18 -9.15
N ASP A 74 17.99 -13.19 -8.99
CA ASP A 74 19.44 -13.42 -9.07
C ASP A 74 19.95 -13.77 -7.67
N THR A 75 19.75 -15.05 -7.32
CA THR A 75 20.32 -15.67 -6.13
C THR A 75 21.82 -15.36 -5.95
N SER A 76 22.60 -15.30 -7.04
CA SER A 76 24.02 -14.96 -6.95
C SER A 76 24.22 -13.56 -6.38
N LYS A 77 23.51 -12.57 -6.93
CA LYS A 77 23.79 -11.19 -6.62
C LYS A 77 22.74 -10.54 -5.74
N ASN A 78 21.93 -11.34 -5.03
CA ASN A 78 21.01 -10.89 -3.97
C ASN A 78 20.02 -9.82 -4.46
N GLN A 79 19.37 -10.09 -5.59
CA GLN A 79 18.46 -9.10 -6.15
C GLN A 79 17.40 -9.81 -6.98
N PHE A 80 16.30 -9.08 -7.24
CA PHE A 80 15.24 -9.58 -8.12
C PHE A 80 14.87 -8.50 -9.13
N SER A 81 14.24 -8.92 -10.22
CA SER A 81 13.99 -8.03 -11.34
C SER A 81 12.52 -8.09 -11.75
N LEU A 82 12.08 -7.05 -12.49
CA LEU A 82 10.77 -6.94 -13.11
C LEU A 82 10.94 -6.52 -14.56
N LYS A 83 10.09 -7.03 -15.45
CA LYS A 83 10.05 -6.56 -16.84
C LYS A 83 8.60 -6.43 -17.28
N VAL A 84 8.27 -5.32 -17.95
CA VAL A 84 6.92 -5.04 -18.40
C VAL A 84 7.00 -4.69 -19.88
N THR A 85 6.38 -5.52 -20.73
CA THR A 85 6.44 -5.22 -22.15
C THR A 85 5.33 -4.25 -22.56
N SER A 86 5.58 -3.58 -23.69
CA SER A 86 4.60 -2.73 -24.39
C SER A 86 4.06 -1.62 -23.49
N LEU A 87 4.98 -0.82 -22.96
CA LEU A 87 4.57 0.27 -22.10
C LEU A 87 3.63 1.20 -22.84
N THR A 88 2.68 1.75 -22.11
CA THR A 88 1.84 2.82 -22.60
C THR A 88 1.83 3.91 -21.54
N ALA A 89 1.24 5.05 -21.88
CA ALA A 89 1.17 6.14 -20.92
C ALA A 89 0.66 5.62 -19.59
N ALA A 90 -0.36 4.76 -19.63
CA ALA A 90 -1.02 4.17 -18.45
C ALA A 90 -0.03 3.41 -17.56
N ASP A 91 1.20 3.24 -18.02
CA ASP A 91 2.22 2.58 -17.23
C ASP A 91 3.13 3.55 -16.49
N THR A 92 2.88 4.84 -16.64
CA THR A 92 3.56 5.88 -15.88
C THR A 92 3.13 5.83 -14.43
N ALA A 93 4.10 5.65 -13.52
CA ALA A 93 3.80 5.48 -12.10
C ALA A 93 5.10 5.57 -11.33
N VAL A 94 4.97 5.64 -10.01
CA VAL A 94 6.09 5.21 -9.18
C VAL A 94 6.02 3.69 -9.02
N TYR A 95 7.17 3.03 -9.19
CA TYR A 95 7.28 1.58 -9.06
C TYR A 95 8.06 1.27 -7.79
N TYR A 96 7.45 0.49 -6.90
CA TYR A 96 7.97 0.17 -5.56
C TYR A 96 8.39 -1.30 -5.50
N CYS A 97 9.65 -1.51 -5.12
CA CYS A 97 10.19 -2.77 -4.67
C CYS A 97 9.64 -3.10 -3.26
N ALA A 98 9.18 -4.34 -3.02
CA ALA A 98 8.65 -4.64 -1.68
C ALA A 98 8.88 -6.11 -1.26
N ARG A 99 8.85 -6.32 0.05
CA ARG A 99 8.93 -7.67 0.62
C ARG A 99 7.58 -8.07 1.22
N GLY A 100 6.94 -9.06 0.62
CA GLY A 100 5.82 -9.70 1.28
C GLY A 100 6.35 -10.76 2.22
N ARG A 101 6.06 -10.61 3.51
CA ARG A 101 6.41 -11.66 4.47
C ARG A 101 5.25 -12.65 4.55
N GLY A 102 5.51 -13.88 4.14
CA GLY A 102 4.47 -14.90 4.08
C GLY A 102 5.05 -16.25 4.40
N SER A 103 4.41 -17.29 3.89
CA SER A 103 4.84 -18.63 4.27
C SER A 103 4.54 -19.59 3.13
N PRO A 104 5.37 -20.60 2.91
CA PRO A 104 5.09 -21.58 1.85
C PRO A 104 3.87 -22.40 2.18
N PRO A 105 3.20 -23.00 1.17
CA PRO A 105 3.55 -23.00 -0.26
C PRO A 105 3.21 -21.73 -1.08
N HIS A 106 2.11 -21.01 -0.77
CA HIS A 106 1.65 -19.92 -1.64
C HIS A 106 1.06 -18.73 -0.87
N TYR A 107 1.36 -18.62 0.41
CA TYR A 107 0.90 -17.49 1.20
C TYR A 107 1.90 -16.35 0.98
N TYR A 108 1.84 -15.79 -0.23
CA TYR A 108 2.89 -14.85 -0.61
C TYR A 108 2.66 -13.46 -0.03
N PHE A 109 1.58 -13.24 0.71
CA PHE A 109 1.41 -11.93 1.36
C PHE A 109 0.92 -12.07 2.79
N TYR A 110 1.10 -13.25 3.39
CA TYR A 110 0.39 -13.59 4.63
C TYR A 110 0.55 -12.52 5.70
N PHE A 111 1.77 -12.06 5.93
CA PHE A 111 2.04 -11.10 7.01
C PHE A 111 2.13 -9.65 6.49
N GLY A 112 1.58 -9.38 5.31
CA GLY A 112 1.60 -8.06 4.74
C GLY A 112 2.90 -7.74 4.00
N LEU A 113 2.85 -6.61 3.26
CA LEU A 113 4.02 -6.02 2.60
C LEU A 113 4.66 -5.11 3.63
N ASP A 114 5.64 -5.64 4.36
CA ASP A 114 6.10 -4.95 5.55
C ASP A 114 7.36 -4.11 5.35
N VAL A 115 8.11 -4.30 4.26
CA VAL A 115 9.27 -3.48 3.96
C VAL A 115 9.25 -3.08 2.50
N TRP A 116 9.43 -1.78 2.24
CA TRP A 116 9.31 -1.23 0.90
C TRP A 116 10.58 -0.52 0.51
N GLY A 117 10.88 -0.56 -0.79
CA GLY A 117 11.81 0.38 -1.33
C GLY A 117 11.14 1.74 -1.30
N GLN A 118 11.87 2.77 -1.73
CA GLN A 118 11.24 4.09 -1.70
C GLN A 118 10.93 4.59 -3.11
N GLY A 119 10.89 3.69 -4.07
CA GLY A 119 10.31 4.05 -5.36
C GLY A 119 11.32 4.51 -6.39
N THR A 120 11.04 4.15 -7.63
CA THR A 120 11.70 4.69 -8.80
C THR A 120 10.60 5.24 -9.68
N THR A 121 10.75 6.49 -10.08
CA THR A 121 9.75 7.13 -10.92
C THR A 121 9.95 6.70 -12.36
N VAL A 122 8.89 6.23 -12.98
CA VAL A 122 8.96 5.77 -14.36
C VAL A 122 7.97 6.61 -15.15
N SER A 123 8.37 7.01 -16.34
CA SER A 123 7.66 8.04 -17.06
C SER A 123 7.66 7.61 -18.51
N VAL A 124 6.48 7.39 -19.08
CA VAL A 124 6.39 6.75 -20.40
C VAL A 124 6.00 7.84 -21.39
N SER A 125 7.00 8.32 -22.13
CA SER A 125 6.79 9.42 -23.10
C SER A 125 7.66 9.22 -24.34
N LEU A 126 7.24 9.81 -25.46
CA LEU A 126 8.03 9.72 -26.72
C LEU A 126 8.97 10.90 -26.69
N ALA A 127 8.77 11.81 -25.75
CA ALA A 127 9.59 13.02 -25.67
C ALA A 127 11.01 12.71 -25.20
N SER A 128 11.93 13.61 -25.54
CA SER A 128 13.37 13.39 -25.39
C SER A 128 13.85 14.05 -24.10
N THR A 129 14.91 13.51 -23.50
CA THR A 129 15.44 14.06 -22.24
C THR A 129 15.88 15.50 -22.50
N LYS A 130 15.71 16.35 -21.49
CA LYS A 130 16.12 17.76 -21.64
C LYS A 130 16.82 18.21 -20.38
N GLY A 131 18.02 18.77 -20.53
CA GLY A 131 18.77 19.30 -19.42
C GLY A 131 18.29 20.68 -19.03
N PRO A 132 18.18 20.92 -17.73
CA PRO A 132 17.70 22.23 -17.27
C PRO A 132 18.76 23.33 -17.42
N SER A 133 18.33 24.45 -18.01
CA SER A 133 18.98 25.75 -17.80
C SER A 133 18.83 26.19 -16.35
N VAL A 134 19.92 26.68 -15.76
CA VAL A 134 19.90 27.15 -14.38
C VAL A 134 20.29 28.62 -14.35
N PHE A 135 19.45 29.42 -13.69
CA PHE A 135 19.76 30.81 -13.52
C PHE A 135 19.78 31.16 -12.03
N PRO A 136 20.73 32.01 -11.62
CA PRO A 136 20.80 32.40 -10.20
C PRO A 136 19.63 33.30 -9.84
N LEU A 137 19.18 33.21 -8.58
CA LEU A 137 18.15 34.12 -8.06
C LEU A 137 18.77 34.94 -6.91
N ALA A 138 19.17 36.16 -7.22
CA ALA A 138 20.05 36.92 -6.33
C ALA A 138 19.30 37.40 -5.09
N PRO A 139 19.98 37.49 -3.94
CA PRO A 139 19.27 37.83 -2.70
C PRO A 139 18.71 39.24 -2.73
N SER A 140 17.68 39.45 -1.90
CA SER A 140 17.00 40.73 -1.85
C SER A 140 17.93 41.80 -1.27
N SER A 141 17.48 43.04 -1.38
CA SER A 141 18.03 44.13 -0.57
C SER A 141 17.07 44.44 0.60
N LYS A 142 16.87 43.40 1.43
CA LYS A 142 16.00 43.47 2.60
C LYS A 142 16.68 44.23 3.74
N SER A 143 15.89 45.04 4.46
CA SER A 143 16.44 46.02 5.40
C SER A 143 16.38 45.58 6.87
N THR A 144 16.01 44.33 7.17
CA THR A 144 16.11 43.90 8.57
C THR A 144 17.57 43.93 8.99
N SER A 145 17.90 44.85 9.91
CA SER A 145 19.28 45.02 10.37
C SER A 145 19.87 43.75 10.96
N GLY A 146 19.01 42.82 11.40
CA GLY A 146 19.41 41.45 11.66
C GLY A 146 18.73 40.54 10.66
N GLY A 147 17.52 40.09 11.01
CA GLY A 147 16.63 39.36 10.11
C GLY A 147 17.34 38.38 9.20
N THR A 148 16.90 38.31 7.94
CA THR A 148 17.48 37.36 6.99
C THR A 148 17.40 37.98 5.59
N ALA A 149 17.47 37.10 4.58
CA ALA A 149 17.36 37.38 3.15
C ALA A 149 17.31 36.01 2.46
N ALA A 150 16.79 35.99 1.23
CA ALA A 150 16.56 34.74 0.51
C ALA A 150 17.18 34.79 -0.88
N LEU A 151 17.96 33.76 -1.20
CA LEU A 151 18.57 33.57 -2.52
C LEU A 151 18.25 32.15 -3.01
N GLY A 152 18.32 31.98 -4.32
CA GLY A 152 17.84 30.71 -4.84
C GLY A 152 18.36 30.41 -6.23
N CYS A 153 17.86 29.28 -6.77
CA CYS A 153 18.12 28.89 -8.15
C CYS A 153 16.83 28.64 -8.88
N LEU A 154 16.78 29.13 -10.11
CA LEU A 154 15.70 28.82 -11.04
C LEU A 154 16.19 27.72 -11.97
N VAL A 155 15.67 26.51 -11.78
CA VAL A 155 16.05 25.36 -12.60
C VAL A 155 15.05 25.30 -13.74
N LYS A 156 15.42 25.79 -14.93
CA LYS A 156 14.37 26.22 -15.85
C LYS A 156 13.72 25.13 -16.68
N ASP A 157 14.40 24.57 -17.68
CA ASP A 157 13.57 23.89 -18.72
C ASP A 157 13.94 22.41 -18.90
N TYR A 158 13.43 21.56 -18.01
CA TYR A 158 13.91 20.19 -17.96
C TYR A 158 12.79 19.18 -18.11
N PHE A 159 13.20 17.92 -18.36
CA PHE A 159 12.36 16.76 -18.61
C PHE A 159 13.22 15.51 -18.74
N PRO A 160 12.83 14.39 -18.12
CA PRO A 160 11.62 14.27 -17.32
C PRO A 160 11.90 14.57 -15.84
N GLU A 161 10.86 14.49 -15.02
CA GLU A 161 11.07 14.45 -13.59
C GLU A 161 11.94 13.22 -13.25
N PRO A 162 12.78 13.29 -12.21
CA PRO A 162 13.03 14.29 -11.19
C PRO A 162 14.33 15.10 -11.33
N VAL A 163 14.37 16.20 -10.57
CA VAL A 163 15.55 17.04 -10.36
C VAL A 163 15.81 17.17 -8.86
N THR A 164 17.07 16.99 -8.47
CA THR A 164 17.50 17.19 -7.08
C THR A 164 18.43 18.40 -7.00
N VAL A 165 18.25 19.22 -5.96
CA VAL A 165 19.06 20.43 -5.76
C VAL A 165 19.63 20.38 -4.36
N SER A 166 20.95 20.46 -4.26
CA SER A 166 21.65 20.70 -3.00
C SER A 166 22.20 22.12 -3.00
N TRP A 167 22.66 22.55 -1.83
CA TRP A 167 23.36 23.81 -1.69
C TRP A 167 24.70 23.55 -1.01
N ASN A 168 25.76 24.05 -1.65
CA ASN A 168 27.14 23.99 -1.13
C ASN A 168 27.66 22.56 -1.12
N SER A 169 27.39 21.82 -2.21
CA SER A 169 27.78 20.42 -2.31
C SER A 169 27.28 19.60 -1.12
N GLY A 170 26.09 19.94 -0.63
CA GLY A 170 25.52 19.26 0.52
C GLY A 170 25.76 19.96 1.84
N ALA A 171 26.77 20.84 1.90
CA ALA A 171 27.15 21.49 3.14
C ALA A 171 26.05 22.37 3.72
N LEU A 172 25.20 22.96 2.87
CA LEU A 172 24.15 23.86 3.34
C LEU A 172 22.79 23.17 3.18
N THR A 173 22.17 22.86 4.31
CA THR A 173 20.88 22.21 4.37
C THR A 173 19.94 22.86 5.37
N SER A 174 20.44 23.73 6.23
CA SER A 174 19.59 24.48 7.15
C SER A 174 18.81 25.54 6.40
N GLY A 175 17.48 25.49 6.51
CA GLY A 175 16.65 26.53 5.93
C GLY A 175 16.50 26.49 4.43
N VAL A 176 16.96 25.43 3.75
CA VAL A 176 16.77 25.31 2.31
C VAL A 176 15.33 24.86 2.06
N HIS A 177 14.71 25.42 1.02
CA HIS A 177 13.35 25.01 0.62
C HIS A 177 13.38 24.84 -0.90
N THR A 178 13.28 23.59 -1.38
CA THR A 178 13.15 23.30 -2.81
C THR A 178 11.67 23.01 -3.13
N PHE A 179 11.15 23.65 -4.19
CA PHE A 179 9.70 23.66 -4.40
C PHE A 179 9.28 22.61 -5.41
N PRO A 180 8.11 22.00 -5.21
CA PRO A 180 7.51 21.17 -6.26
C PRO A 180 7.58 21.86 -7.61
N ALA A 181 7.80 21.07 -8.65
CA ALA A 181 8.01 21.65 -9.96
C ALA A 181 6.67 21.86 -10.65
N VAL A 182 6.64 22.86 -11.53
CA VAL A 182 5.48 23.18 -12.35
C VAL A 182 5.63 22.49 -13.68
N LEU A 183 4.52 22.00 -14.22
CA LEU A 183 4.47 21.41 -15.55
C LEU A 183 3.89 22.43 -16.52
N GLN A 184 4.69 22.77 -17.52
CA GLN A 184 4.37 23.81 -18.48
C GLN A 184 3.61 23.25 -19.69
N SER A 185 2.91 24.15 -20.38
CA SER A 185 2.21 23.77 -21.61
C SER A 185 3.13 23.07 -22.60
N SER A 186 4.42 23.40 -22.59
CA SER A 186 5.37 22.75 -23.49
C SER A 186 5.61 21.28 -23.18
N GLY A 187 5.14 20.79 -22.01
CA GLY A 187 5.55 19.50 -21.51
C GLY A 187 6.80 19.52 -20.66
N LEU A 188 7.48 20.66 -20.54
CA LEU A 188 8.71 20.76 -19.78
C LEU A 188 8.43 21.19 -18.34
N TYR A 189 9.41 20.96 -17.47
CA TYR A 189 9.32 21.30 -16.06
C TYR A 189 10.23 22.47 -15.71
N SER A 190 9.88 23.17 -14.63
CA SER A 190 10.79 24.09 -13.96
C SER A 190 10.55 24.00 -12.47
N LEU A 191 11.56 24.35 -11.67
CA LEU A 191 11.38 24.45 -10.24
C LEU A 191 12.31 25.52 -9.70
N SER A 192 12.23 25.74 -8.39
CA SER A 192 13.09 26.70 -7.74
C SER A 192 13.49 26.16 -6.38
N SER A 193 14.66 26.59 -5.94
CA SER A 193 15.19 26.25 -4.63
C SER A 193 15.73 27.52 -4.00
N VAL A 194 15.23 27.84 -2.81
CA VAL A 194 15.54 29.06 -2.05
C VAL A 194 16.15 28.69 -0.69
N VAL A 195 17.14 29.49 -0.26
CA VAL A 195 17.83 29.28 1.01
C VAL A 195 17.69 30.56 1.83
N THR A 196 17.37 30.40 3.12
CA THR A 196 17.28 31.53 4.05
C THR A 196 18.60 31.62 4.81
N VAL A 197 19.38 32.66 4.53
CA VAL A 197 20.72 32.83 5.10
C VAL A 197 20.77 34.10 5.94
N PRO A 198 21.78 34.28 6.79
CA PRO A 198 21.94 35.58 7.45
C PRO A 198 22.34 36.64 6.44
N SER A 199 21.57 37.74 6.39
CA SER A 199 21.99 38.89 5.60
C SER A 199 23.29 39.50 6.11
N SER A 200 23.75 39.08 7.29
CA SER A 200 25.09 39.40 7.75
C SER A 200 26.15 38.63 6.95
N SER A 201 26.05 37.30 6.96
CA SER A 201 26.99 36.44 6.23
C SER A 201 26.68 36.49 4.73
N LEU A 202 26.65 37.70 4.19
CA LEU A 202 26.21 37.92 2.82
C LEU A 202 27.39 38.02 1.86
N GLY A 203 28.29 38.97 2.09
CA GLY A 203 29.50 39.05 1.28
C GLY A 203 30.60 38.08 1.66
N THR A 204 30.43 37.34 2.76
CA THR A 204 31.52 36.45 3.19
C THR A 204 31.44 35.07 2.56
N GLN A 205 30.34 34.32 2.81
CA GLN A 205 30.21 32.96 2.33
C GLN A 205 29.63 33.04 0.91
N THR A 206 30.18 32.25 0.00
CA THR A 206 29.78 32.25 -1.40
C THR A 206 28.89 31.03 -1.70
N TYR A 207 27.62 31.29 -2.10
CA TYR A 207 26.59 30.26 -2.19
C TYR A 207 26.47 29.70 -3.62
N ILE A 208 26.60 28.38 -3.75
CA ILE A 208 26.49 27.68 -5.02
C ILE A 208 25.40 26.62 -4.88
N CYS A 209 24.52 26.52 -5.88
CA CYS A 209 23.54 25.45 -5.89
C CYS A 209 23.93 24.36 -6.88
N ASN A 210 23.50 23.13 -6.60
CA ASN A 210 24.01 21.96 -7.29
C ASN A 210 22.80 21.26 -7.89
N VAL A 211 22.69 21.26 -9.22
CA VAL A 211 21.47 20.82 -9.88
C VAL A 211 21.77 19.50 -10.58
N ASN A 212 21.34 18.39 -9.98
CA ASN A 212 21.62 17.06 -10.51
C ASN A 212 20.38 16.59 -11.27
N HIS A 213 20.40 16.72 -12.60
CA HIS A 213 19.40 16.08 -13.45
C HIS A 213 19.97 14.78 -13.99
N LYS A 214 19.77 13.68 -13.27
CA LYS A 214 20.40 12.44 -13.71
C LYS A 214 19.85 11.93 -15.04
N PRO A 215 18.54 11.98 -15.34
CA PRO A 215 18.06 11.45 -16.65
C PRO A 215 18.72 12.03 -17.87
N SER A 216 19.40 13.16 -17.74
CA SER A 216 20.14 13.76 -18.85
C SER A 216 21.64 13.76 -18.60
N ASN A 217 22.10 13.09 -17.54
CA ASN A 217 23.52 13.08 -17.17
C ASN A 217 24.06 14.50 -17.01
N THR A 218 23.27 15.36 -16.39
CA THR A 218 23.64 16.76 -16.25
C THR A 218 23.98 17.03 -14.79
N LYS A 219 25.03 17.80 -14.57
CA LYS A 219 25.22 18.53 -13.32
C LYS A 219 25.50 19.97 -13.73
N VAL A 220 24.90 20.90 -12.99
CA VAL A 220 25.22 22.32 -13.12
C VAL A 220 25.40 22.87 -11.72
N ASP A 221 26.45 23.68 -11.54
CA ASP A 221 26.65 24.46 -10.34
C ASP A 221 26.59 25.93 -10.73
N LYS A 222 25.73 26.71 -10.05
CA LYS A 222 25.56 28.11 -10.39
C LYS A 222 25.77 29.00 -9.17
N LYS A 223 26.33 30.18 -9.46
CA LYS A 223 26.76 31.23 -8.52
C LYS A 223 27.77 30.68 -7.53
N TYR B 2 -11.97 -7.41 -9.11
CA TYR B 2 -12.28 -7.43 -7.69
C TYR B 2 -11.75 -6.17 -7.05
N GLU B 3 -12.60 -5.63 -6.16
CA GLU B 3 -12.54 -4.26 -5.70
C GLU B 3 -12.88 -4.18 -4.22
N LEU B 4 -12.04 -3.48 -3.48
CA LEU B 4 -12.26 -3.11 -2.11
C LEU B 4 -12.77 -1.66 -2.11
N THR B 5 -13.85 -1.40 -1.38
CA THR B 5 -14.46 -0.08 -1.40
C THR B 5 -14.15 0.66 -0.11
N GLN B 6 -13.76 1.93 -0.25
CA GLN B 6 -13.17 2.65 0.81
C GLN B 6 -13.57 4.11 0.66
N PRO B 7 -14.02 4.81 1.71
CA PRO B 7 -14.37 6.24 1.57
C PRO B 7 -13.19 7.04 1.05
N PRO B 8 -13.45 8.03 0.18
CA PRO B 8 -12.33 8.87 -0.31
C PRO B 8 -11.73 9.74 0.77
N SER B 9 -12.55 10.31 1.64
CA SER B 9 -12.06 11.18 2.68
C SER B 9 -12.76 10.91 3.99
N VAL B 10 -11.99 10.99 5.07
CA VAL B 10 -12.46 11.04 6.44
C VAL B 10 -11.83 12.22 7.14
N SER B 11 -12.61 12.90 7.97
CA SER B 11 -12.16 14.07 8.70
C SER B 11 -12.47 13.90 10.18
N VAL B 12 -11.59 14.38 11.04
CA VAL B 12 -11.64 14.05 12.47
C VAL B 12 -11.11 15.23 13.28
N SER B 13 -11.81 15.56 14.37
CA SER B 13 -11.30 16.55 15.32
C SER B 13 -10.10 15.99 16.08
N PRO B 14 -9.16 16.83 16.48
CA PRO B 14 -7.95 16.32 17.14
C PRO B 14 -8.30 15.58 18.42
N GLY B 15 -7.38 14.73 18.84
CA GLY B 15 -7.58 13.92 20.02
C GLY B 15 -8.75 12.94 19.98
N GLN B 16 -9.58 13.01 18.94
CA GLN B 16 -10.74 12.15 18.80
C GLN B 16 -10.38 10.91 17.96
N THR B 17 -11.39 10.18 17.50
CA THR B 17 -11.17 8.82 16.99
C THR B 17 -11.77 8.67 15.60
N ALA B 18 -10.97 8.14 14.66
CA ALA B 18 -11.34 8.04 13.26
C ALA B 18 -11.58 6.60 12.82
N THR B 19 -12.49 6.46 11.84
CA THR B 19 -12.97 5.18 11.31
C THR B 19 -12.86 5.17 9.79
N ILE B 20 -11.98 4.29 9.28
CA ILE B 20 -11.82 4.01 7.86
C ILE B 20 -12.41 2.63 7.63
N THR B 21 -13.47 2.54 6.83
CA THR B 21 -14.03 1.24 6.51
C THR B 21 -13.66 0.83 5.09
N CYS B 22 -13.69 -0.47 4.88
CA CYS B 22 -13.29 -1.04 3.61
C CYS B 22 -14.14 -2.28 3.43
N SER B 23 -14.82 -2.38 2.29
CA SER B 23 -15.72 -3.48 2.05
C SER B 23 -15.33 -4.19 0.76
N GLY B 24 -15.42 -5.51 0.77
CA GLY B 24 -15.17 -6.28 -0.42
C GLY B 24 -15.70 -7.68 -0.21
N THR B 25 -16.19 -8.31 -1.29
CA THR B 25 -16.92 -9.55 -1.16
C THR B 25 -16.02 -10.73 -0.79
N ALA B 26 -14.70 -10.58 -0.90
CA ALA B 26 -13.76 -11.65 -0.56
C ALA B 26 -13.10 -11.45 0.80
N LEU B 27 -13.47 -10.42 1.57
CA LEU B 27 -12.96 -10.33 2.93
C LEU B 27 -13.36 -11.54 3.78
N PRO B 28 -14.49 -12.21 3.54
CA PRO B 28 -14.64 -13.53 4.18
C PRO B 28 -13.50 -14.48 3.88
N ASN B 29 -12.85 -14.42 2.70
CA ASN B 29 -11.77 -15.39 2.47
C ASN B 29 -10.38 -14.95 2.91
N HIS B 30 -10.15 -13.65 3.15
CA HIS B 30 -8.78 -13.15 3.19
C HIS B 30 -8.66 -12.02 4.20
N TYR B 31 -7.52 -11.98 4.90
CA TYR B 31 -7.30 -10.91 5.85
C TYR B 31 -7.23 -9.55 5.15
N ALA B 32 -7.34 -8.50 5.97
CA ALA B 32 -7.16 -7.13 5.53
C ALA B 32 -5.79 -6.62 5.97
N TYR B 33 -5.25 -5.66 5.25
CA TYR B 33 -4.00 -5.05 5.67
C TYR B 33 -4.16 -3.56 5.48
N TRP B 34 -3.53 -2.77 6.34
CA TRP B 34 -3.59 -1.31 6.26
C TRP B 34 -2.21 -0.67 6.12
N TYR B 35 -2.07 0.18 5.12
CA TYR B 35 -0.84 0.91 4.90
C TYR B 35 -1.08 2.42 5.02
N GLN B 36 -0.13 3.11 5.64
CA GLN B 36 -0.15 4.56 5.81
C GLN B 36 0.84 5.16 4.82
N GLN B 37 0.38 6.15 4.05
CA GLN B 37 1.25 6.83 3.08
C GLN B 37 1.19 8.34 3.30
N LYS B 38 2.27 8.91 3.52
CA LYS B 38 2.41 10.34 3.64
C LYS B 38 3.07 10.91 2.37
N PRO B 39 2.80 12.20 2.05
CA PRO B 39 3.22 12.77 0.75
C PRO B 39 4.61 12.43 0.27
N GLY B 40 4.71 11.99 -1.00
CA GLY B 40 5.98 11.64 -1.60
C GLY B 40 6.76 10.50 -0.97
N GLN B 41 6.09 9.53 -0.34
CA GLN B 41 6.84 8.59 0.47
C GLN B 41 6.28 7.19 0.33
N ALA B 42 7.12 6.20 0.65
CA ALA B 42 6.71 4.81 0.61
C ALA B 42 5.53 4.57 1.56
N PRO B 43 4.61 3.66 1.20
CA PRO B 43 3.56 3.28 2.15
C PRO B 43 4.19 2.54 3.33
N VAL B 44 3.48 2.56 4.45
CA VAL B 44 3.96 1.94 5.70
C VAL B 44 2.87 1.02 6.24
N LEU B 45 3.21 -0.24 6.43
CA LEU B 45 2.27 -1.20 6.99
C LEU B 45 1.96 -0.82 8.43
N VAL B 46 0.69 -0.57 8.74
CA VAL B 46 0.29 -0.30 10.11
C VAL B 46 -0.53 -1.42 10.71
N ILE B 47 -1.13 -2.28 9.88
CA ILE B 47 -1.96 -3.37 10.37
C ILE B 47 -1.79 -4.53 9.41
N TYR B 48 -1.31 -5.66 9.91
CA TYR B 48 -1.32 -6.89 9.12
C TYR B 48 -2.25 -7.92 9.77
N THR B 49 -2.65 -8.89 8.94
CA THR B 49 -3.78 -9.78 9.21
C THR B 49 -4.86 -8.85 9.76
N ASP B 50 -5.71 -9.20 10.67
CA ASP B 50 -6.80 -8.21 10.75
C ASP B 50 -6.54 -7.11 11.76
N ASN B 51 -5.56 -7.29 12.64
CA ASN B 51 -5.53 -6.50 13.86
C ASN B 51 -4.16 -6.57 14.50
N GLU B 52 -3.18 -7.09 13.79
CA GLU B 52 -1.84 -7.14 14.31
C GLU B 52 -1.14 -5.83 13.94
N ARG B 53 -0.44 -5.29 14.91
CA ARG B 53 0.20 -4.00 14.77
C ARG B 53 1.69 -4.26 14.73
N PRO B 54 2.40 -3.91 13.66
CA PRO B 54 3.85 -4.12 13.66
C PRO B 54 4.49 -3.34 14.78
N SER B 55 5.79 -3.60 15.00
CA SER B 55 6.48 -3.15 16.20
C SER B 55 6.28 -1.67 16.49
N GLY B 56 6.90 -0.83 15.66
CA GLY B 56 6.93 0.59 15.95
C GLY B 56 5.70 1.36 15.55
N ILE B 57 4.52 0.76 15.71
CA ILE B 57 3.25 1.41 15.37
C ILE B 57 2.52 1.74 16.67
N PRO B 58 2.10 2.99 16.87
CA PRO B 58 1.42 3.36 18.12
C PRO B 58 0.11 2.59 18.33
N GLU B 59 -0.21 2.35 19.63
CA GLU B 59 -1.37 1.54 20.02
C GLU B 59 -2.68 2.13 19.58
N ARG B 60 -2.67 3.36 19.11
CA ARG B 60 -3.91 4.00 18.75
C ARG B 60 -4.44 3.51 17.42
N PHE B 61 -3.59 2.84 16.65
CA PHE B 61 -4.00 2.11 15.46
C PHE B 61 -4.46 0.72 15.88
N SER B 62 -5.67 0.34 15.49
CA SER B 62 -6.12 -1.01 15.75
C SER B 62 -7.08 -1.43 14.66
N GLY B 63 -7.01 -2.70 14.28
CA GLY B 63 -7.80 -3.23 13.19
C GLY B 63 -8.95 -4.07 13.70
N SER B 64 -10.02 -4.08 12.91
CA SER B 64 -11.23 -4.77 13.31
C SER B 64 -11.89 -5.30 12.06
N THR B 65 -12.57 -6.43 12.22
CA THR B 65 -13.28 -7.10 11.15
C THR B 65 -14.72 -7.34 11.58
N SER B 66 -15.63 -7.38 10.60
CA SER B 66 -16.98 -7.86 10.86
C SER B 66 -17.75 -8.12 9.56
N GLY B 67 -17.51 -9.26 8.94
CA GLY B 67 -18.25 -9.63 7.75
C GLY B 67 -17.53 -9.20 6.49
N THR B 68 -18.25 -8.50 5.60
CA THR B 68 -17.67 -7.99 4.37
C THR B 68 -17.11 -6.57 4.53
N THR B 69 -16.84 -6.15 5.78
CA THR B 69 -16.19 -4.87 6.08
C THR B 69 -15.10 -5.07 7.12
N VAL B 70 -13.97 -4.40 6.92
CA VAL B 70 -12.92 -4.30 7.93
C VAL B 70 -12.72 -2.81 8.21
N THR B 71 -12.13 -2.49 9.35
CA THR B 71 -11.99 -1.08 9.68
C THR B 71 -10.65 -0.85 10.35
N LEU B 72 -10.00 0.24 9.92
CA LEU B 72 -8.91 0.83 10.67
C LEU B 72 -9.53 1.79 11.68
N THR B 73 -9.02 1.80 12.90
CA THR B 73 -9.47 2.70 13.95
C THR B 73 -8.24 3.37 14.53
N ILE B 74 -8.21 4.70 14.47
CA ILE B 74 -7.02 5.43 14.86
C ILE B 74 -7.47 6.25 16.07
N SER B 75 -7.21 5.74 17.27
CA SER B 75 -7.63 6.39 18.49
C SER B 75 -6.85 7.68 18.70
N GLY B 76 -7.52 8.71 19.20
CA GLY B 76 -6.83 9.94 19.53
C GLY B 76 -5.96 10.47 18.41
N VAL B 77 -6.59 11.05 17.39
CA VAL B 77 -5.88 11.42 16.18
C VAL B 77 -4.93 12.58 16.45
N GLN B 78 -3.75 12.51 15.84
CA GLN B 78 -2.73 13.54 15.93
C GLN B 78 -2.60 14.22 14.57
N ALA B 79 -1.84 15.32 14.52
CA ALA B 79 -1.60 15.96 13.24
C ALA B 79 -0.75 15.07 12.33
N GLU B 80 0.26 14.40 12.90
CA GLU B 80 1.11 13.48 12.15
C GLU B 80 0.32 12.41 11.42
N ASP B 81 -0.86 12.08 11.92
CA ASP B 81 -1.67 11.02 11.35
C ASP B 81 -2.34 11.40 10.04
N GLU B 82 -2.38 12.70 9.71
CA GLU B 82 -2.78 13.11 8.37
C GLU B 82 -1.94 12.34 7.38
N ALA B 83 -2.59 11.53 6.58
CA ALA B 83 -1.90 10.73 5.59
C ALA B 83 -2.95 10.17 4.65
N ASP B 84 -2.50 9.29 3.77
CA ASP B 84 -3.38 8.44 2.99
C ASP B 84 -3.32 7.03 3.57
N TYR B 85 -4.49 6.43 3.77
CA TYR B 85 -4.62 5.09 4.34
C TYR B 85 -5.18 4.14 3.29
N TYR B 86 -4.51 3.00 3.10
CA TYR B 86 -4.92 2.01 2.10
C TYR B 86 -5.28 0.70 2.79
N CYS B 87 -6.49 0.21 2.57
CA CYS B 87 -6.75 -1.18 2.89
C CYS B 87 -6.23 -2.03 1.75
N GLN B 88 -5.88 -3.28 2.09
CA GLN B 88 -5.34 -4.24 1.13
C GLN B 88 -5.78 -5.63 1.53
N SER B 89 -6.17 -6.43 0.54
CA SER B 89 -6.65 -7.78 0.76
C SER B 89 -6.27 -8.63 -0.45
N ALA B 90 -7.15 -9.54 -0.86
CA ALA B 90 -6.93 -10.30 -2.08
C ALA B 90 -8.27 -10.88 -2.55
N ASP B 91 -8.38 -11.10 -3.86
CA ASP B 91 -9.63 -11.51 -4.48
C ASP B 91 -9.86 -13.02 -4.24
N SER B 92 -10.85 -13.65 -4.92
CA SER B 92 -11.19 -15.05 -4.66
C SER B 92 -9.97 -15.95 -4.78
N ASN B 93 -9.26 -15.84 -5.91
CA ASN B 93 -7.92 -16.40 -6.03
C ASN B 93 -6.98 -15.66 -5.09
N ALA B 94 -5.75 -16.04 -4.98
CA ALA B 94 -5.10 -15.24 -3.93
C ALA B 94 -4.41 -13.97 -4.48
N ASN B 95 -5.10 -13.13 -5.28
CA ASN B 95 -4.51 -11.98 -5.99
C ASN B 95 -4.58 -10.71 -5.16
N VAL B 96 -3.42 -10.15 -4.79
CA VAL B 96 -3.44 -8.91 -4.00
C VAL B 96 -4.25 -7.82 -4.70
N VAL B 97 -5.00 -7.08 -3.90
CA VAL B 97 -5.81 -5.95 -4.34
C VAL B 97 -5.78 -4.89 -3.23
N PHE B 98 -5.69 -3.62 -3.64
CA PHE B 98 -5.70 -2.47 -2.76
C PHE B 98 -7.01 -1.70 -2.92
N GLY B 99 -7.50 -1.14 -1.83
CA GLY B 99 -8.60 -0.20 -1.92
C GLY B 99 -8.17 1.07 -2.63
N GLY B 100 -9.08 2.04 -2.69
CA GLY B 100 -8.75 3.32 -3.31
C GLY B 100 -7.95 4.22 -2.40
N GLY B 101 -8.04 4.00 -1.10
CA GLY B 101 -7.40 4.91 -0.18
C GLY B 101 -8.34 5.99 0.34
N THR B 102 -8.07 6.44 1.57
CA THR B 102 -8.83 7.50 2.23
C THR B 102 -7.84 8.56 2.71
N LYS B 103 -8.02 9.81 2.24
CA LYS B 103 -7.37 10.95 2.92
C LYS B 103 -7.95 11.15 4.31
N LEU B 104 -7.09 11.20 5.31
CA LEU B 104 -7.48 11.58 6.67
C LEU B 104 -7.06 13.04 6.91
N THR B 105 -8.06 13.91 7.02
CA THR B 105 -7.80 15.34 7.31
C THR B 105 -8.05 15.62 8.78
N VAL B 106 -7.06 16.19 9.47
CA VAL B 106 -7.27 16.59 10.89
C VAL B 106 -7.83 18.01 10.88
N LEU B 107 -9.10 18.16 11.26
CA LEU B 107 -9.73 19.49 11.19
C LEU B 107 -9.36 20.28 12.44
N GLY B 108 -9.58 21.59 12.40
CA GLY B 108 -9.27 22.44 13.56
C GLY B 108 -7.78 22.69 13.66
N GLN B 109 -7.10 22.77 12.53
CA GLN B 109 -5.65 23.06 12.56
C GLN B 109 -5.46 24.56 12.46
N PRO B 110 -4.43 25.14 13.09
CA PRO B 110 -4.24 26.58 13.10
C PRO B 110 -4.17 27.22 11.70
N LYS B 111 -5.01 28.21 11.45
CA LYS B 111 -4.94 28.93 10.16
C LYS B 111 -3.59 29.61 10.08
N ALA B 112 -2.93 29.52 8.93
CA ALA B 112 -1.58 30.11 8.78
C ALA B 112 -1.54 30.81 7.43
N ALA B 113 -1.11 32.06 7.41
CA ALA B 113 -1.11 32.86 6.19
C ALA B 113 0.19 32.67 5.42
N PRO B 114 0.11 32.80 4.10
CA PRO B 114 1.26 32.46 3.28
C PRO B 114 2.39 33.47 3.42
N SER B 115 3.60 32.98 3.18
CA SER B 115 4.82 33.78 3.17
C SER B 115 5.36 33.83 1.75
N VAL B 116 5.50 35.06 1.21
CA VAL B 116 5.61 35.26 -0.24
C VAL B 116 6.95 35.89 -0.60
N THR B 117 7.55 35.39 -1.67
CA THR B 117 8.88 35.82 -2.10
C THR B 117 8.90 35.91 -3.61
N LEU B 118 9.24 37.10 -4.10
CA LEU B 118 9.19 37.43 -5.51
C LEU B 118 10.57 37.82 -5.99
N PHE B 119 11.01 37.18 -7.09
CA PHE B 119 12.30 37.40 -7.72
C PHE B 119 12.11 37.97 -9.12
N PRO B 120 12.87 39.00 -9.48
CA PRO B 120 12.90 39.47 -10.87
C PRO B 120 13.74 38.54 -11.73
N PRO B 121 13.64 38.63 -13.06
CA PRO B 121 14.53 37.83 -13.91
C PRO B 121 15.98 38.22 -13.69
N SER B 122 16.81 37.20 -13.50
CA SER B 122 18.24 37.44 -13.35
C SER B 122 18.80 38.10 -14.60
N SER B 123 19.84 38.92 -14.41
CA SER B 123 20.59 39.42 -15.56
C SER B 123 21.07 38.27 -16.44
N GLU B 124 21.49 37.16 -15.83
CA GLU B 124 22.04 36.03 -16.58
C GLU B 124 20.97 35.54 -17.56
N GLU B 125 19.73 35.46 -17.09
CA GLU B 125 18.61 35.00 -17.93
C GLU B 125 18.19 36.06 -18.93
N LEU B 126 18.23 37.34 -18.55
CA LEU B 126 17.86 38.40 -19.47
C LEU B 126 18.76 38.41 -20.71
N GLN B 127 20.06 38.21 -20.53
CA GLN B 127 20.89 38.26 -21.72
C GLN B 127 20.81 36.98 -22.54
N ALA B 128 20.02 35.99 -22.10
CA ALA B 128 19.59 34.86 -22.91
C ALA B 128 18.29 35.15 -23.65
N ASN B 129 17.81 36.39 -23.62
CA ASN B 129 16.56 36.83 -24.24
C ASN B 129 15.32 36.21 -23.60
N LYS B 130 15.31 36.11 -22.27
CA LYS B 130 14.15 35.60 -21.57
C LYS B 130 14.02 36.32 -20.25
N ALA B 131 12.80 36.46 -19.77
CA ALA B 131 12.54 37.09 -18.48
C ALA B 131 11.41 36.33 -17.80
N THR B 132 11.74 35.67 -16.68
CA THR B 132 10.78 34.91 -15.90
C THR B 132 10.78 35.44 -14.48
N LEU B 133 9.61 35.87 -13.99
CA LEU B 133 9.43 36.25 -12.60
C LEU B 133 8.95 35.04 -11.81
N VAL B 134 9.46 34.92 -10.58
CA VAL B 134 9.31 33.72 -9.79
C VAL B 134 8.75 34.12 -8.44
N CYS B 135 7.56 33.63 -8.13
CA CYS B 135 6.87 33.96 -6.89
C CYS B 135 6.75 32.70 -6.05
N LEU B 136 7.35 32.70 -4.86
CA LEU B 136 7.36 31.50 -4.00
C LEU B 136 6.51 31.74 -2.77
N ILE B 137 5.61 30.79 -2.50
CA ILE B 137 4.51 30.93 -1.57
C ILE B 137 4.61 29.74 -0.60
N SER B 138 4.94 30.01 0.67
CA SER B 138 5.17 28.88 1.57
C SER B 138 4.35 29.02 2.86
N ASP B 139 4.37 27.95 3.64
CA ASP B 139 3.92 27.88 5.05
C ASP B 139 2.50 28.42 5.27
N PHE B 140 1.57 27.97 4.45
CA PHE B 140 0.19 28.40 4.60
C PHE B 140 -0.71 27.20 4.86
N TYR B 141 -1.82 27.46 5.55
CA TYR B 141 -2.83 26.51 5.87
C TYR B 141 -4.12 27.29 6.08
N PRO B 142 -5.25 26.83 5.51
CA PRO B 142 -5.34 25.61 4.69
C PRO B 142 -4.70 25.72 3.30
N GLY B 143 -4.68 24.61 2.57
CA GLY B 143 -3.91 24.53 1.35
C GLY B 143 -4.61 25.03 0.10
N ALA B 144 -5.10 26.28 0.11
CA ALA B 144 -5.66 26.86 -1.10
C ALA B 144 -5.27 28.33 -1.23
N VAL B 145 -4.72 28.69 -2.38
CA VAL B 145 -4.39 30.06 -2.70
C VAL B 145 -4.84 30.34 -4.12
N THR B 146 -5.15 31.61 -4.39
CA THR B 146 -5.26 32.12 -5.73
C THR B 146 -4.16 33.16 -5.91
N VAL B 147 -3.66 33.24 -7.13
CA VAL B 147 -2.48 34.05 -7.41
C VAL B 147 -2.81 34.98 -8.56
N ALA B 148 -2.43 36.25 -8.43
CA ALA B 148 -2.72 37.22 -9.47
C ALA B 148 -1.47 38.01 -9.81
N TRP B 149 -1.17 38.14 -11.11
CA TRP B 149 -0.03 38.91 -11.57
C TRP B 149 -0.47 40.25 -12.13
N LYS B 150 0.29 41.30 -11.84
CA LYS B 150 -0.08 42.67 -12.19
C LYS B 150 1.10 43.39 -12.80
N ALA B 151 0.88 43.97 -13.99
CA ALA B 151 1.85 44.83 -14.68
C ALA B 151 1.50 46.28 -14.33
N ASP B 152 2.30 46.87 -13.43
CA ASP B 152 1.99 48.11 -12.71
C ASP B 152 0.87 47.82 -11.71
N SER B 153 -0.36 48.23 -12.02
CA SER B 153 -1.54 47.77 -11.30
C SER B 153 -2.58 47.16 -12.24
N SER B 154 -2.20 46.89 -13.49
CA SER B 154 -3.05 46.26 -14.50
C SER B 154 -2.90 44.74 -14.45
N PRO B 155 -3.99 43.99 -14.33
CA PRO B 155 -3.89 42.52 -14.35
C PRO B 155 -3.24 41.98 -15.62
N VAL B 156 -2.63 40.77 -15.49
CA VAL B 156 -1.91 40.11 -16.58
C VAL B 156 -2.53 38.72 -16.77
N LYS B 157 -2.71 38.29 -18.02
CA LYS B 157 -3.37 37.00 -18.27
C LYS B 157 -2.46 35.92 -18.84
N ALA B 158 -1.58 36.26 -19.79
CA ALA B 158 -0.86 35.24 -20.54
C ALA B 158 0.52 34.96 -19.94
N GLY B 159 1.02 33.77 -20.25
CA GLY B 159 2.32 33.34 -19.76
C GLY B 159 2.46 33.18 -18.26
N VAL B 160 1.42 32.70 -17.58
CA VAL B 160 1.47 32.47 -16.14
C VAL B 160 1.18 31.01 -15.88
N GLU B 161 2.12 30.31 -15.22
CA GLU B 161 1.84 28.98 -14.63
C GLU B 161 1.95 29.02 -13.11
N THR B 162 1.07 28.26 -12.47
CA THR B 162 1.04 28.14 -11.02
C THR B 162 0.89 26.68 -10.65
N THR B 163 1.74 26.19 -9.74
CA THR B 163 1.63 24.82 -9.26
C THR B 163 0.32 24.63 -8.52
N THR B 164 -0.08 23.37 -8.37
CA THR B 164 -1.01 23.05 -7.31
C THR B 164 -0.28 23.17 -5.97
N PRO B 165 -1.01 23.40 -4.88
CA PRO B 165 -0.37 23.36 -3.56
C PRO B 165 0.17 21.96 -3.29
N SER B 166 0.96 21.84 -2.24
CA SER B 166 1.50 20.52 -1.92
C SER B 166 1.86 20.51 -0.45
N LYS B 167 1.35 19.51 0.26
CA LYS B 167 1.51 19.37 1.70
C LYS B 167 2.99 19.31 2.04
N GLN B 168 3.52 20.34 2.68
CA GLN B 168 4.95 20.39 2.82
C GLN B 168 5.38 19.63 4.07
N SER B 169 6.61 19.90 4.50
CA SER B 169 7.33 19.05 5.45
C SER B 169 6.57 18.94 6.77
N ASN B 170 6.37 20.07 7.46
CA ASN B 170 5.34 20.20 8.49
C ASN B 170 3.96 20.13 7.86
N ASN B 171 2.91 20.26 8.67
CA ASN B 171 1.59 19.98 8.11
C ASN B 171 0.99 21.19 7.39
N LYS B 172 1.79 21.87 6.57
CA LYS B 172 1.37 23.06 5.85
C LYS B 172 1.57 22.86 4.35
N TYR B 173 1.39 23.93 3.58
CA TYR B 173 1.38 23.81 2.14
C TYR B 173 2.35 24.81 1.52
N ALA B 174 2.73 24.56 0.26
CA ALA B 174 3.57 25.47 -0.50
C ALA B 174 3.09 25.43 -1.94
N ALA B 175 3.41 26.48 -2.69
CA ALA B 175 3.11 26.51 -4.11
C ALA B 175 3.99 27.58 -4.74
N SER B 176 3.91 27.71 -6.06
CA SER B 176 4.80 28.65 -6.70
C SER B 176 4.19 29.00 -8.05
N SER B 177 4.39 30.27 -8.45
CA SER B 177 3.86 30.82 -9.70
C SER B 177 4.98 31.49 -10.49
N TYR B 178 4.91 31.35 -11.80
CA TYR B 178 5.95 31.80 -12.70
C TYR B 178 5.30 32.69 -13.74
N LEU B 179 5.88 33.87 -13.95
CA LEU B 179 5.41 34.78 -14.99
C LEU B 179 6.49 34.86 -16.06
N SER B 180 6.13 34.48 -17.29
CA SER B 180 7.05 34.55 -18.42
C SER B 180 6.82 35.84 -19.19
N LEU B 181 7.91 36.53 -19.49
CA LEU B 181 7.85 37.81 -20.18
C LEU B 181 8.82 37.78 -21.35
N THR B 182 8.67 38.77 -22.22
CA THR B 182 9.77 39.15 -23.09
C THR B 182 10.69 40.11 -22.33
N PRO B 183 12.00 40.07 -22.58
CA PRO B 183 12.88 41.06 -21.91
C PRO B 183 12.48 42.49 -22.20
N GLU B 184 11.76 42.74 -23.30
CA GLU B 184 11.10 44.03 -23.45
C GLU B 184 10.16 44.30 -22.28
N GLN B 185 9.24 43.36 -22.02
CA GLN B 185 8.14 43.60 -21.11
C GLN B 185 8.65 43.90 -19.72
N TRP B 186 9.66 43.16 -19.27
CA TRP B 186 10.29 43.45 -17.99
C TRP B 186 10.74 44.91 -17.93
N LYS B 187 11.29 45.44 -19.03
CA LYS B 187 11.81 46.81 -19.04
C LYS B 187 10.71 47.86 -19.22
N SER B 188 9.73 47.59 -20.10
CA SER B 188 8.72 48.58 -20.47
C SER B 188 7.59 48.74 -19.44
N HIS B 189 7.75 48.33 -18.19
CA HIS B 189 6.79 48.70 -17.16
C HIS B 189 7.54 49.18 -15.94
N ARG B 190 6.77 49.69 -15.00
CA ARG B 190 7.33 50.31 -13.82
C ARG B 190 7.45 49.32 -12.67
N SER B 191 6.66 48.24 -12.73
CA SER B 191 6.52 47.33 -11.60
C SER B 191 5.72 46.12 -12.05
N TYR B 192 6.09 44.95 -11.54
CA TYR B 192 5.25 43.76 -11.59
C TYR B 192 4.99 43.28 -10.18
N SER B 193 3.79 42.71 -9.97
CA SER B 193 3.35 42.30 -8.65
C SER B 193 2.89 40.84 -8.66
N CYS B 194 3.19 40.15 -7.58
CA CYS B 194 2.62 38.84 -7.27
C CYS B 194 1.65 39.05 -6.12
N GLN B 195 0.36 38.81 -6.38
CA GLN B 195 -0.67 38.86 -5.35
C GLN B 195 -1.24 37.47 -5.08
N VAL B 196 -1.14 37.04 -3.83
CA VAL B 196 -1.65 35.73 -3.46
C VAL B 196 -2.74 35.97 -2.42
N THR B 197 -3.91 35.42 -2.68
CA THR B 197 -5.05 35.49 -1.78
C THR B 197 -5.24 34.15 -1.06
N HIS B 198 -5.07 34.18 0.25
CA HIS B 198 -5.29 33.03 1.11
C HIS B 198 -6.44 33.38 2.05
N GLU B 199 -7.54 32.63 1.93
CA GLU B 199 -8.72 32.86 2.76
C GLU B 199 -9.22 34.29 2.59
N GLY B 200 -9.03 35.09 3.63
CA GLY B 200 -9.34 36.51 3.51
C GLY B 200 -8.18 37.35 3.02
N SER B 201 -6.98 37.07 3.55
CA SER B 201 -5.79 37.87 3.28
C SER B 201 -5.54 37.96 1.78
N THR B 202 -4.86 39.04 1.37
CA THR B 202 -4.07 39.07 0.15
C THR B 202 -2.75 39.72 0.51
N VAL B 203 -1.66 39.01 0.29
CA VAL B 203 -0.31 39.54 0.46
C VAL B 203 0.33 39.71 -0.91
N GLU B 204 0.95 40.87 -1.11
CA GLU B 204 1.48 41.29 -2.39
C GLU B 204 2.91 41.75 -2.25
N LYS B 205 3.80 40.97 -2.87
CA LYS B 205 5.15 41.42 -3.11
C LYS B 205 5.27 41.96 -4.53
N THR B 206 6.24 42.80 -4.78
CA THR B 206 6.23 43.58 -6.02
C THR B 206 7.67 44.00 -6.34
N VAL B 207 8.06 43.96 -7.63
CA VAL B 207 9.43 44.17 -8.09
C VAL B 207 9.48 45.18 -9.24
N ALA B 208 10.58 45.92 -9.31
CA ALA B 208 10.77 46.92 -10.35
C ALA B 208 12.12 46.75 -11.03
N PRO B 209 12.20 47.06 -12.34
CA PRO B 209 13.50 47.21 -12.99
C PRO B 209 14.33 48.35 -12.38
N THR B 210 15.27 48.01 -11.51
CA THR B 210 16.28 48.93 -11.01
C THR B 210 17.66 48.42 -11.47
N GLU B 211 18.67 49.27 -11.29
CA GLU B 211 20.01 49.19 -11.92
C GLU B 211 19.95 49.72 -13.36
N ASN C 10 -13.33 -23.46 -17.87
CA ASN C 10 -14.24 -23.45 -16.72
C ASN C 10 -13.78 -24.46 -15.68
N LEU C 11 -13.09 -23.95 -14.64
CA LEU C 11 -12.28 -24.76 -13.75
C LEU C 11 -12.82 -24.70 -12.32
N CYS C 12 -12.47 -25.72 -11.51
CA CYS C 12 -13.13 -25.71 -10.20
C CYS C 12 -12.26 -24.99 -9.17
N PRO C 13 -12.90 -24.17 -8.31
CA PRO C 13 -12.20 -23.12 -7.54
C PRO C 13 -11.55 -23.61 -6.25
N PHE C 14 -10.71 -24.64 -6.36
CA PHE C 14 -10.00 -25.18 -5.19
C PHE C 14 -9.06 -24.16 -4.57
N ASP C 15 -8.35 -23.38 -5.41
CA ASP C 15 -7.44 -22.38 -4.87
C ASP C 15 -8.13 -21.49 -3.86
N GLU C 16 -9.43 -21.24 -4.03
CA GLU C 16 -10.18 -20.43 -3.07
C GLU C 16 -10.29 -21.11 -1.70
N VAL C 17 -10.25 -22.44 -1.65
CA VAL C 17 -10.27 -23.11 -0.35
C VAL C 17 -8.87 -23.22 0.22
N PHE C 18 -7.88 -23.55 -0.61
CA PHE C 18 -6.61 -23.96 -0.07
C PHE C 18 -5.66 -22.80 0.14
N ASN C 19 -5.81 -21.77 -0.69
CA ASN C 19 -5.02 -20.56 -0.58
C ASN C 19 -5.70 -19.48 0.25
N ALA C 20 -6.90 -19.74 0.77
CA ALA C 20 -7.55 -18.81 1.70
C ALA C 20 -6.65 -18.44 2.88
N THR C 21 -6.45 -17.13 3.10
CA THR C 21 -5.64 -16.78 4.25
C THR C 21 -6.42 -16.79 5.54
N ARG C 22 -7.70 -16.40 5.52
CA ARG C 22 -8.56 -16.56 6.67
C ARG C 22 -9.15 -17.98 6.64
N PHE C 23 -9.17 -18.68 7.80
CA PHE C 23 -9.91 -19.93 7.95
C PHE C 23 -10.94 -19.91 9.08
N ALA C 24 -12.06 -20.64 8.85
CA ALA C 24 -13.11 -20.68 9.84
C ALA C 24 -12.66 -21.37 11.12
N SER C 25 -13.31 -21.00 12.23
CA SER C 25 -13.30 -21.81 13.46
C SER C 25 -14.10 -23.07 13.23
N VAL C 26 -13.69 -24.15 13.91
CA VAL C 26 -14.28 -25.48 13.63
C VAL C 26 -15.78 -25.50 13.90
N TYR C 27 -16.27 -24.79 14.92
CA TYR C 27 -17.71 -24.86 15.22
C TYR C 27 -18.56 -24.18 14.17
N ALA C 28 -18.00 -23.19 13.47
CA ALA C 28 -18.66 -22.47 12.39
C ALA C 28 -17.93 -22.74 11.08
N TRP C 29 -17.70 -24.03 10.80
CA TRP C 29 -16.88 -24.41 9.66
C TRP C 29 -17.44 -23.88 8.34
N ASN C 30 -16.54 -23.52 7.42
CA ASN C 30 -16.96 -23.07 6.09
C ASN C 30 -17.24 -24.25 5.18
N ARG C 31 -18.23 -24.07 4.32
CA ARG C 31 -18.50 -24.98 3.23
C ARG C 31 -18.53 -24.16 1.94
N LYS C 32 -17.75 -24.60 0.96
CA LYS C 32 -17.92 -24.17 -0.42
C LYS C 32 -18.49 -25.34 -1.21
N ARG C 33 -19.48 -25.05 -2.05
CA ARG C 33 -19.97 -26.07 -2.96
C ARG C 33 -19.38 -25.87 -4.34
N ILE C 34 -18.86 -26.96 -4.91
CA ILE C 34 -18.20 -26.97 -6.19
C ILE C 34 -19.08 -27.74 -7.16
N SER C 35 -19.50 -27.09 -8.23
CA SER C 35 -20.24 -27.76 -9.27
C SER C 35 -20.08 -26.95 -10.54
N ASN C 36 -20.41 -27.58 -11.68
CA ASN C 36 -20.47 -26.91 -12.98
C ASN C 36 -19.07 -26.56 -13.48
N CYS C 37 -18.15 -27.51 -13.39
CA CYS C 37 -16.78 -27.23 -13.75
C CYS C 37 -16.04 -28.56 -13.89
N VAL C 38 -14.80 -28.48 -14.35
CA VAL C 38 -13.92 -29.62 -14.44
C VAL C 38 -12.87 -29.50 -13.34
N ALA C 39 -12.61 -30.59 -12.63
CA ALA C 39 -11.82 -30.57 -11.42
C ALA C 39 -10.48 -31.24 -11.68
N ASP C 40 -9.42 -30.44 -11.71
CA ASP C 40 -8.07 -30.97 -11.93
C ASP C 40 -7.45 -31.27 -10.58
N TYR C 41 -7.50 -32.54 -10.18
CA TYR C 41 -6.99 -32.97 -8.89
C TYR C 41 -5.48 -33.07 -8.85
N SER C 42 -4.79 -32.87 -9.97
CA SER C 42 -3.33 -32.84 -9.92
C SER C 42 -2.79 -31.51 -9.42
N VAL C 43 -3.57 -30.42 -9.56
CA VAL C 43 -3.21 -29.14 -8.92
C VAL C 43 -3.06 -29.36 -7.43
N LEU C 44 -3.85 -30.27 -6.87
CA LEU C 44 -3.80 -30.58 -5.46
C LEU C 44 -2.74 -31.63 -5.16
N TYR C 45 -2.59 -32.63 -6.02
CA TYR C 45 -1.63 -33.69 -5.73
C TYR C 45 -0.19 -33.28 -6.01
N ASN C 46 0.05 -32.19 -6.76
CA ASN C 46 1.45 -31.76 -6.92
C ASN C 46 1.99 -31.24 -5.60
N LEU C 47 1.10 -30.83 -4.71
CA LEU C 47 1.43 -30.09 -3.51
C LEU C 47 1.55 -30.97 -2.27
N ALA C 48 1.60 -32.30 -2.47
CA ALA C 48 1.53 -33.25 -1.37
C ALA C 48 2.61 -33.12 -0.28
N PRO C 49 3.80 -32.56 -0.55
CA PRO C 49 4.72 -32.32 0.57
C PRO C 49 4.14 -31.41 1.62
N PHE C 50 3.11 -30.64 1.30
CA PHE C 50 2.62 -29.65 2.25
C PHE C 50 1.43 -30.11 3.08
N PHE C 51 0.70 -31.16 2.67
CA PHE C 51 -0.37 -31.69 3.51
C PHE C 51 -0.20 -33.19 3.79
N THR C 52 -1.07 -33.71 4.67
CA THR C 52 -1.05 -35.10 5.12
C THR C 52 -2.01 -36.01 4.37
N PHE C 53 -3.32 -35.72 4.31
CA PHE C 53 -4.17 -36.42 3.33
C PHE C 53 -4.53 -37.90 3.62
N LYS C 54 -5.82 -38.20 3.88
CA LYS C 54 -6.38 -39.56 3.91
C LYS C 54 -7.67 -39.62 3.10
N CYS C 55 -7.82 -40.65 2.27
CA CYS C 55 -9.03 -40.76 1.48
C CYS C 55 -9.89 -41.94 1.94
N TYR C 56 -11.19 -41.84 1.60
CA TYR C 56 -12.23 -42.72 2.10
C TYR C 56 -13.20 -42.96 0.95
N GLY C 57 -13.23 -44.18 0.43
CA GLY C 57 -14.23 -44.54 -0.55
C GLY C 57 -13.87 -44.27 -2.00
N VAL C 58 -12.66 -43.78 -2.27
CA VAL C 58 -12.04 -43.74 -3.60
C VAL C 58 -10.53 -43.71 -3.40
N SER C 59 -9.80 -43.94 -4.46
CA SER C 59 -8.35 -43.81 -4.38
C SER C 59 -7.91 -42.41 -4.76
N PRO C 60 -6.83 -41.90 -4.16
CA PRO C 60 -6.33 -40.59 -4.57
C PRO C 60 -6.04 -40.49 -6.07
N THR C 61 -5.28 -41.45 -6.62
CA THR C 61 -4.78 -41.31 -7.99
C THR C 61 -5.91 -41.20 -9.01
N LYS C 62 -7.01 -41.91 -8.79
CA LYS C 62 -8.04 -42.05 -9.81
C LYS C 62 -8.94 -40.83 -9.95
N LEU C 63 -8.77 -39.79 -9.11
CA LEU C 63 -9.80 -38.78 -8.92
C LEU C 63 -10.19 -38.09 -10.22
N ASN C 64 -9.21 -37.78 -11.07
CA ASN C 64 -9.49 -37.20 -12.38
C ASN C 64 -10.53 -38.02 -13.16
N ASP C 65 -10.47 -39.36 -13.00
CA ASP C 65 -11.27 -40.29 -13.79
C ASP C 65 -12.75 -40.23 -13.46
N LEU C 66 -13.11 -39.64 -12.32
CA LEU C 66 -14.42 -39.76 -11.72
C LEU C 66 -15.34 -38.59 -12.10
N CYS C 67 -16.64 -38.79 -11.90
CA CYS C 67 -17.64 -37.75 -12.12
C CYS C 67 -18.66 -37.82 -10.98
N PHE C 68 -19.12 -36.65 -10.54
CA PHE C 68 -20.02 -36.54 -9.39
C PHE C 68 -21.06 -35.46 -9.64
N THR C 69 -22.16 -35.53 -8.88
CA THR C 69 -23.22 -34.53 -8.97
C THR C 69 -22.91 -33.27 -8.15
N ASN C 70 -22.09 -33.39 -7.11
CA ASN C 70 -21.59 -32.28 -6.31
C ASN C 70 -20.33 -32.67 -5.59
N VAL C 71 -19.42 -31.70 -5.48
CA VAL C 71 -18.26 -31.81 -4.63
C VAL C 71 -18.32 -30.69 -3.59
N TYR C 72 -18.08 -31.04 -2.32
CA TYR C 72 -18.12 -30.10 -1.21
C TYR C 72 -16.76 -30.04 -0.54
N ALA C 73 -16.35 -28.82 -0.16
CA ALA C 73 -15.08 -28.52 0.48
C ALA C 73 -15.38 -27.80 1.78
N ASP C 74 -15.16 -28.46 2.90
CA ASP C 74 -15.33 -27.82 4.19
C ASP C 74 -13.96 -27.57 4.80
N SER C 75 -13.81 -26.42 5.44
CA SER C 75 -12.53 -25.99 5.96
C SER C 75 -12.70 -25.39 7.34
N PHE C 76 -11.68 -25.60 8.17
CA PHE C 76 -11.69 -25.13 9.56
C PHE C 76 -10.34 -25.41 10.17
N VAL C 77 -10.15 -24.91 11.37
CA VAL C 77 -8.90 -25.09 12.11
C VAL C 77 -9.17 -25.91 13.35
N ILE C 78 -8.36 -26.93 13.60
CA ILE C 78 -8.38 -27.66 14.86
C ILE C 78 -6.96 -27.83 15.38
N ARG C 79 -6.90 -28.29 16.63
CA ARG C 79 -5.65 -28.72 17.24
C ARG C 79 -5.19 -30.01 16.57
N GLY C 80 -3.86 -30.20 16.52
CA GLY C 80 -3.29 -31.31 15.76
C GLY C 80 -3.69 -32.68 16.28
N ASP C 81 -3.59 -32.90 17.60
CA ASP C 81 -3.98 -34.19 18.13
C ASP C 81 -5.49 -34.45 17.99
N GLU C 82 -6.23 -33.53 17.37
CA GLU C 82 -7.65 -33.73 17.11
C GLU C 82 -7.93 -34.04 15.65
N VAL C 83 -6.94 -33.94 14.78
CA VAL C 83 -7.12 -34.27 13.37
C VAL C 83 -7.67 -35.69 13.17
N ARG C 84 -7.36 -36.62 14.09
CA ARG C 84 -7.79 -38.01 13.95
C ARG C 84 -9.31 -38.18 14.11
N GLN C 85 -9.99 -37.22 14.73
CA GLN C 85 -11.45 -37.24 14.76
C GLN C 85 -12.10 -36.82 13.44
N ILE C 86 -11.34 -36.37 12.46
CA ILE C 86 -11.96 -35.98 11.19
C ILE C 86 -11.92 -37.18 10.26
N ALA C 87 -12.80 -38.15 10.55
CA ALA C 87 -12.78 -39.48 9.97
C ALA C 87 -14.04 -40.24 10.37
N PRO C 88 -14.48 -41.22 9.57
CA PRO C 88 -15.76 -41.91 9.86
C PRO C 88 -15.74 -42.56 11.25
N GLY C 89 -16.87 -42.46 11.93
CA GLY C 89 -17.05 -43.17 13.19
C GLY C 89 -16.07 -42.81 14.28
N GLN C 90 -15.70 -41.54 14.40
CA GLN C 90 -14.86 -41.05 15.48
C GLN C 90 -15.71 -40.45 16.59
N THR C 91 -15.11 -40.28 17.78
CA THR C 91 -15.75 -39.58 18.88
C THR C 91 -14.74 -38.66 19.57
N GLY C 92 -15.27 -37.75 20.37
CA GLY C 92 -14.55 -36.67 21.01
C GLY C 92 -15.22 -35.34 20.74
N ASN C 93 -14.72 -34.29 21.42
CA ASN C 93 -15.28 -32.95 21.31
C ASN C 93 -15.57 -32.56 19.86
N ILE C 94 -14.60 -32.78 18.97
CA ILE C 94 -14.70 -32.26 17.61
C ILE C 94 -15.69 -33.09 16.80
N ALA C 95 -15.48 -34.41 16.78
CA ALA C 95 -16.35 -35.28 15.98
C ALA C 95 -17.81 -35.16 16.42
N ASP C 96 -18.05 -34.98 17.72
CA ASP C 96 -19.42 -34.97 18.24
C ASP C 96 -20.09 -33.60 18.29
N TYR C 97 -19.35 -32.47 18.44
CA TYR C 97 -19.99 -31.19 18.73
C TYR C 97 -19.71 -30.04 17.73
N ASN C 98 -18.91 -30.28 16.69
CA ASN C 98 -18.29 -29.29 15.82
C ASN C 98 -18.39 -29.72 14.36
N TYR C 99 -17.85 -30.89 14.02
CA TYR C 99 -17.83 -31.41 12.66
C TYR C 99 -17.85 -32.94 12.70
N LYS C 100 -18.81 -33.55 11.99
CA LYS C 100 -19.09 -34.98 12.09
C LYS C 100 -19.17 -35.57 10.68
N LEU C 101 -18.32 -36.60 10.42
CA LEU C 101 -18.47 -37.22 9.11
C LEU C 101 -19.43 -38.42 9.18
N PRO C 102 -20.09 -38.77 8.07
CA PRO C 102 -20.88 -40.01 8.05
C PRO C 102 -19.99 -41.23 8.26
N ASP C 103 -20.63 -42.40 8.37
CA ASP C 103 -19.88 -43.65 8.31
C ASP C 103 -19.59 -44.06 6.87
N ASP C 104 -20.50 -43.76 5.96
CA ASP C 104 -20.36 -43.95 4.51
C ASP C 104 -19.71 -42.75 3.82
N PHE C 105 -18.69 -42.17 4.45
CA PHE C 105 -18.01 -41.01 3.88
C PHE C 105 -17.24 -41.39 2.63
N THR C 106 -17.57 -40.75 1.50
CA THR C 106 -16.78 -40.89 0.29
C THR C 106 -16.08 -39.54 0.08
N GLY C 107 -14.77 -39.48 0.31
CA GLY C 107 -14.05 -38.24 0.07
C GLY C 107 -12.69 -38.26 0.74
N CYS C 108 -12.05 -37.08 0.77
CA CYS C 108 -10.70 -36.97 1.33
C CYS C 108 -10.65 -35.88 2.40
N VAL C 109 -9.84 -36.15 3.41
CA VAL C 109 -9.62 -35.28 4.55
C VAL C 109 -8.20 -34.81 4.42
N ILE C 110 -8.01 -33.52 4.13
CA ILE C 110 -6.68 -33.00 3.89
C ILE C 110 -6.33 -32.06 5.04
N ALA C 111 -5.08 -32.10 5.47
CA ALA C 111 -4.70 -31.29 6.62
C ALA C 111 -3.22 -30.89 6.51
N TRP C 112 -2.92 -29.70 7.02
CA TRP C 112 -1.54 -29.25 7.11
C TRP C 112 -1.34 -28.46 8.39
N ASN C 113 -0.17 -28.63 9.00
CA ASN C 113 0.19 -27.88 10.19
C ASN C 113 0.30 -26.41 9.82
N SER C 114 -0.28 -25.56 10.67
CA SER C 114 -0.41 -24.15 10.38
C SER C 114 0.17 -23.31 11.50
N ASN C 115 1.04 -23.87 12.31
CA ASN C 115 1.88 -23.10 13.20
C ASN C 115 2.56 -22.19 12.17
N LYS C 116 2.98 -20.98 12.52
CA LYS C 116 3.47 -19.96 11.56
C LYS C 116 2.30 -19.14 11.01
N LEU C 117 1.15 -19.76 10.75
CA LEU C 117 0.06 -18.90 10.28
C LEU C 117 -0.90 -18.54 11.42
N ASP C 118 -1.13 -19.48 12.34
CA ASP C 118 -2.22 -19.35 13.29
C ASP C 118 -1.78 -19.36 14.75
N SER C 119 -0.48 -19.48 15.04
CA SER C 119 0.00 -19.27 16.41
C SER C 119 0.58 -17.88 16.53
N LYS C 120 0.62 -17.38 17.75
CA LYS C 120 1.07 -16.04 18.07
C LYS C 120 1.70 -16.09 19.45
N VAL C 121 2.85 -15.41 19.60
CA VAL C 121 3.67 -15.54 20.81
C VAL C 121 2.86 -15.31 22.08
N SER C 122 2.22 -14.14 22.21
CA SER C 122 1.07 -14.05 23.09
C SER C 122 -0.09 -14.71 22.36
N GLY C 123 -0.85 -15.53 23.06
CA GLY C 123 -1.61 -16.56 22.37
C GLY C 123 -2.59 -16.00 21.35
N ASN C 124 -2.93 -16.84 20.38
CA ASN C 124 -4.05 -16.61 19.47
C ASN C 124 -5.28 -17.27 20.06
N TYR C 125 -6.28 -16.47 20.45
CA TYR C 125 -7.54 -16.98 20.98
C TYR C 125 -8.69 -16.84 19.99
N ASN C 126 -8.40 -16.65 18.70
CA ASN C 126 -9.46 -16.33 17.76
C ASN C 126 -10.27 -17.55 17.35
N TYR C 127 -9.72 -18.74 17.50
CA TYR C 127 -10.32 -19.96 16.97
C TYR C 127 -11.09 -20.67 18.07
N LEU C 128 -12.33 -21.05 17.78
CA LEU C 128 -13.19 -21.53 18.84
C LEU C 128 -13.67 -22.95 18.57
N TYR C 129 -14.09 -23.61 19.63
CA TYR C 129 -14.74 -24.90 19.51
C TYR C 129 -15.90 -24.98 20.50
N ARG C 130 -16.90 -25.80 20.16
CA ARG C 130 -17.94 -26.15 21.11
C ARG C 130 -17.46 -27.31 21.97
N LEU C 131 -17.70 -27.20 23.30
CA LEU C 131 -17.37 -28.26 24.23
C LEU C 131 -18.58 -28.89 24.90
N PHE C 132 -19.75 -28.25 24.87
CA PHE C 132 -20.97 -28.78 25.47
C PHE C 132 -22.15 -28.68 24.50
N ARG C 133 -22.93 -29.74 24.45
CA ARG C 133 -24.14 -29.75 23.64
C ARG C 133 -25.04 -30.86 24.17
N LYS C 134 -26.37 -30.68 23.98
CA LYS C 134 -27.36 -31.70 24.32
C LYS C 134 -27.09 -33.02 23.60
N SER C 135 -26.88 -32.99 22.31
CA SER C 135 -26.73 -34.22 21.56
C SER C 135 -25.62 -34.05 20.52
N ASN C 136 -24.86 -35.14 20.32
CA ASN C 136 -23.93 -35.34 19.22
C ASN C 136 -24.54 -34.89 17.90
N LEU C 137 -23.84 -34.00 17.21
CA LEU C 137 -24.24 -33.59 15.87
C LEU C 137 -24.46 -34.79 14.96
N LYS C 138 -25.40 -34.64 14.04
CA LYS C 138 -25.47 -35.50 12.88
C LYS C 138 -24.38 -35.13 11.86
N PRO C 139 -24.07 -36.04 10.93
CA PRO C 139 -23.04 -35.74 9.92
C PRO C 139 -23.36 -34.47 9.12
N PHE C 140 -22.31 -33.71 8.81
CA PHE C 140 -22.40 -32.47 8.03
C PHE C 140 -23.37 -31.43 8.64
N GLU C 141 -23.51 -31.41 9.97
CA GLU C 141 -24.36 -30.44 10.65
C GLU C 141 -23.50 -29.37 11.29
N ARG C 142 -24.07 -28.18 11.41
CA ARG C 142 -23.37 -27.02 11.96
C ARG C 142 -24.23 -26.44 13.07
N ASP C 143 -23.61 -26.18 14.22
CA ASP C 143 -24.24 -25.47 15.34
C ASP C 143 -23.49 -24.14 15.62
N ILE C 144 -24.06 -23.01 15.17
CA ILE C 144 -23.56 -21.67 15.47
C ILE C 144 -24.14 -21.08 16.75
N SER C 145 -25.14 -21.71 17.33
CA SER C 145 -25.77 -21.20 18.55
C SER C 145 -24.74 -20.92 19.64
N THR C 146 -24.97 -19.85 20.40
CA THR C 146 -24.13 -19.44 21.52
C THR C 146 -24.89 -19.43 22.85
N GLU C 147 -25.91 -20.25 23.01
CA GLU C 147 -26.73 -20.13 24.19
C GLU C 147 -26.30 -21.12 25.28
N ILE C 148 -26.56 -20.72 26.52
CA ILE C 148 -25.92 -21.29 27.70
C ILE C 148 -26.33 -22.74 27.85
N TYR C 149 -25.35 -23.61 27.97
CA TYR C 149 -25.69 -25.01 28.11
C TYR C 149 -26.06 -25.28 29.55
N GLN C 150 -27.21 -25.92 29.76
CA GLN C 150 -27.66 -26.19 31.12
C GLN C 150 -27.10 -27.54 31.57
N ALA C 151 -26.19 -27.47 32.52
CA ALA C 151 -25.81 -28.60 33.35
C ALA C 151 -26.49 -28.42 34.71
N GLY C 152 -26.48 -29.45 35.51
CA GLY C 152 -27.31 -29.24 36.69
C GLY C 152 -28.81 -29.05 36.42
N ASN C 153 -29.54 -28.86 37.51
CA ASN C 153 -30.99 -28.76 37.42
C ASN C 153 -31.49 -27.32 37.35
N LYS C 154 -31.09 -26.46 38.28
CA LYS C 154 -31.68 -25.12 38.33
C LYS C 154 -31.41 -24.39 37.02
N PRO C 155 -32.44 -24.00 36.27
CA PRO C 155 -32.21 -23.55 34.89
C PRO C 155 -31.62 -22.15 34.87
N CYS C 156 -30.72 -21.94 33.91
CA CYS C 156 -30.20 -20.61 33.65
C CYS C 156 -31.12 -19.77 32.79
N ASN C 157 -31.02 -18.48 32.98
CA ASN C 157 -31.90 -17.54 32.29
C ASN C 157 -31.06 -16.84 31.25
N GLY C 158 -30.43 -17.65 30.39
CA GLY C 158 -29.44 -17.15 29.46
C GLY C 158 -28.26 -16.53 30.17
N VAL C 159 -27.98 -16.96 31.40
CA VAL C 159 -26.92 -16.40 32.22
C VAL C 159 -25.93 -17.51 32.52
N ALA C 160 -24.74 -17.42 31.95
CA ALA C 160 -23.65 -18.31 32.33
C ALA C 160 -23.39 -18.17 33.84
N GLY C 161 -22.93 -19.26 34.46
CA GLY C 161 -22.55 -19.25 35.85
C GLY C 161 -22.45 -20.67 36.38
N PHE C 162 -22.80 -20.87 37.65
CA PHE C 162 -22.85 -22.19 38.25
C PHE C 162 -23.69 -23.17 37.44
N ASN C 163 -23.05 -24.22 36.92
CA ASN C 163 -23.69 -25.30 36.18
C ASN C 163 -24.39 -24.81 34.91
N CYS C 164 -23.92 -23.70 34.37
CA CYS C 164 -24.50 -23.10 33.17
C CYS C 164 -23.33 -22.48 32.42
N TYR C 165 -22.99 -22.98 31.21
CA TYR C 165 -21.73 -22.58 30.55
C TYR C 165 -22.01 -21.90 29.26
N PHE C 166 -21.08 -21.04 28.91
CA PHE C 166 -20.91 -20.73 27.53
C PHE C 166 -20.54 -22.00 26.79
N PRO C 167 -21.26 -22.34 25.71
CA PRO C 167 -20.94 -23.56 24.97
C PRO C 167 -19.67 -23.47 24.14
N LEU C 168 -19.19 -22.28 23.78
CA LEU C 168 -18.01 -22.09 22.98
C LEU C 168 -16.79 -21.77 23.86
N ARG C 169 -15.66 -22.34 23.44
CA ARG C 169 -14.36 -22.26 24.05
C ARG C 169 -13.24 -21.92 23.12
N SER C 170 -12.25 -21.19 23.63
CA SER C 170 -11.18 -20.65 22.82
C SER C 170 -10.04 -21.64 22.85
N TYR C 171 -9.53 -22.01 21.67
CA TYR C 171 -8.17 -22.52 21.58
C TYR C 171 -7.21 -21.40 21.93
N SER C 172 -6.05 -21.77 22.44
CA SER C 172 -4.98 -20.83 22.75
C SER C 172 -3.74 -21.36 22.06
N PHE C 173 -3.29 -20.68 21.02
CA PHE C 173 -2.20 -21.20 20.18
C PHE C 173 -0.98 -20.31 20.36
N ARG C 174 0.10 -20.92 20.80
CA ARG C 174 1.43 -20.33 20.84
C ARG C 174 2.38 -21.18 20.03
N PRO C 175 3.41 -20.56 19.42
CA PRO C 175 4.36 -21.35 18.60
C PRO C 175 5.21 -22.29 19.42
N THR C 176 5.26 -22.11 20.74
CA THR C 176 6.03 -22.98 21.63
C THR C 176 5.39 -24.37 21.76
N TYR C 177 4.06 -24.46 21.74
CA TYR C 177 3.37 -25.73 22.01
C TYR C 177 3.92 -26.87 21.18
N GLY C 178 4.07 -28.03 21.83
CA GLY C 178 4.30 -29.25 21.11
C GLY C 178 3.31 -29.48 19.99
N VAL C 179 3.82 -30.04 18.89
CA VAL C 179 2.98 -30.42 17.77
C VAL C 179 1.78 -31.17 18.27
N GLY C 180 0.62 -30.95 17.67
CA GLY C 180 -0.58 -31.57 18.17
C GLY C 180 -1.30 -30.78 19.23
N HIS C 181 -0.61 -29.90 19.95
CA HIS C 181 -1.23 -28.75 20.58
C HIS C 181 -1.11 -27.50 19.69
N GLN C 182 -0.67 -27.65 18.44
CA GLN C 182 -0.52 -26.61 17.45
C GLN C 182 -1.71 -26.60 16.51
N PRO C 183 -1.94 -25.48 15.82
CA PRO C 183 -3.10 -25.40 14.92
C PRO C 183 -2.83 -26.09 13.60
N TYR C 184 -3.87 -26.72 13.07
CA TYR C 184 -3.82 -27.42 11.80
C TYR C 184 -5.01 -26.96 10.98
N ARG C 185 -4.76 -26.55 9.75
CA ARG C 185 -5.83 -26.28 8.82
C ARG C 185 -6.25 -27.58 8.14
N VAL C 186 -7.56 -27.79 8.05
CA VAL C 186 -8.17 -29.01 7.54
C VAL C 186 -9.13 -28.65 6.42
N VAL C 187 -9.02 -29.33 5.28
CA VAL C 187 -10.04 -29.23 4.24
C VAL C 187 -10.63 -30.62 4.01
N VAL C 188 -11.95 -30.73 4.17
CA VAL C 188 -12.68 -31.98 3.92
C VAL C 188 -13.36 -31.88 2.57
N LEU C 189 -12.99 -32.77 1.66
CA LEU C 189 -13.58 -32.82 0.33
C LEU C 189 -14.56 -33.99 0.27
N SER C 190 -15.80 -33.70 -0.10
CA SER C 190 -16.89 -34.67 -0.07
C SER C 190 -17.42 -34.85 -1.48
N PHE C 191 -17.41 -36.08 -1.95
CA PHE C 191 -17.88 -36.40 -3.29
C PHE C 191 -19.25 -37.05 -3.18
N GLU C 192 -20.19 -36.52 -3.94
CA GLU C 192 -21.60 -36.76 -3.73
C GLU C 192 -22.24 -37.08 -5.07
N LEU C 193 -22.56 -38.35 -5.28
CA LEU C 193 -23.18 -38.78 -6.54
C LEU C 193 -24.60 -39.26 -6.28
N LEU C 194 -25.53 -38.32 -6.45
CA LEU C 194 -26.97 -38.45 -6.25
C LEU C 194 -27.62 -39.02 -7.52
N HIS C 195 -28.91 -38.76 -7.70
CA HIS C 195 -29.66 -39.31 -8.82
C HIS C 195 -29.88 -38.34 -9.99
N PRO C 196 -29.85 -36.99 -9.80
CA PRO C 196 -29.84 -36.10 -10.97
C PRO C 196 -28.54 -36.07 -11.77
N ALA C 197 -28.54 -35.24 -12.81
CA ALA C 197 -27.46 -35.21 -13.78
C ALA C 197 -26.14 -34.79 -13.15
N ALA C 198 -25.06 -35.48 -13.52
CA ALA C 198 -23.72 -35.17 -13.02
C ALA C 198 -23.25 -33.81 -13.56
N THR C 199 -22.26 -33.22 -12.87
CA THR C 199 -21.80 -31.86 -13.14
C THR C 199 -20.32 -31.59 -12.87
N VAL C 200 -19.65 -32.32 -11.99
CA VAL C 200 -18.22 -32.18 -11.78
C VAL C 200 -17.53 -33.40 -12.39
N CYS C 201 -16.51 -33.17 -13.24
CA CYS C 201 -15.82 -34.26 -13.93
C CYS C 201 -14.31 -34.03 -14.00
N GLY C 202 -13.63 -34.61 -15.00
CA GLY C 202 -12.18 -34.54 -15.07
C GLY C 202 -11.59 -34.24 -16.44
C1 NAG D . -2.63 -21.63 -4.74
C2 NAG D . -3.03 -22.84 -5.58
C3 NAG D . -1.89 -23.24 -6.53
C4 NAG D . -1.41 -22.03 -7.33
C5 NAG D . -1.10 -20.88 -6.38
C6 NAG D . -0.80 -19.60 -7.12
C7 NAG D . -4.42 -24.77 -5.06
C8 NAG D . -4.69 -25.89 -4.10
N2 NAG D . -3.40 -23.96 -4.74
O3 NAG D . -2.32 -24.28 -7.39
O4 NAG D . -0.23 -22.34 -8.05
O5 NAG D . -2.25 -20.60 -5.58
O6 NAG D . -1.93 -19.24 -7.91
O7 NAG D . -5.08 -24.61 -6.10
C1 NAG D . -0.46 -22.10 -9.46
C2 NAG D . 0.91 -22.05 -10.12
C3 NAG D . 0.77 -21.86 -11.63
C4 NAG D . -0.16 -22.92 -12.21
C5 NAG D . -1.45 -23.00 -11.42
C6 NAG D . -2.34 -24.14 -11.84
C7 NAG D . 2.71 -21.17 -8.72
C8 NAG D . 3.40 -19.96 -8.21
N2 NAG D . 1.69 -20.96 -9.55
O3 NAG D . 2.05 -21.92 -12.23
O4 NAG D . -0.51 -22.57 -13.55
O5 NAG D . -1.19 -23.18 -10.01
O6 NAG D . -3.70 -23.84 -11.55
O7 NAG D . 3.08 -22.31 -8.44
C1 BMA D . 0.13 -23.50 -14.43
C2 BMA D . -0.75 -23.69 -15.64
C3 BMA D . -0.06 -24.69 -16.61
C4 BMA D . 1.43 -24.27 -16.87
C5 BMA D . 2.22 -24.03 -15.51
C6 BMA D . 3.71 -23.57 -15.64
O2 BMA D . -0.90 -22.44 -16.29
O3 BMA D . -0.80 -24.86 -17.81
O4 BMA D . 2.08 -25.31 -17.58
O5 BMA D . 1.49 -23.05 -14.77
O6 BMA D . 3.89 -22.15 -15.34
C1 FUC D . -1.49 -18.33 -8.93
C2 FUC D . -2.68 -18.17 -9.89
C3 FUC D . -3.85 -17.44 -9.21
C4 FUC D . -3.37 -16.12 -8.56
C5 FUC D . -2.20 -16.40 -7.64
C6 FUC D . -1.59 -15.15 -7.08
O2 FUC D . -3.06 -19.42 -10.42
O3 FUC D . -4.81 -17.06 -10.20
O4 FUC D . -2.96 -15.19 -9.55
O5 FUC D . -1.16 -17.09 -8.34
#